data_2BIF
#
_entry.id   2BIF
#
_cell.length_a   61.740
_cell.length_b   73.510
_cell.length_c   76.700
_cell.angle_alpha   116.90
_cell.angle_beta   99.31
_cell.angle_gamma   105.20
#
_symmetry.space_group_name_H-M   'P 1'
#
loop_
_entity.id
_entity.type
_entity.pdbx_description
1 polymer 'PROTEIN (6-PHOSPHOFRUCTO-2-KINASE/FRUCTOSE-2,6-BISPHOSPHATASE)'
2 non-polymer 'octyl beta-D-glucopyranoside'
3 non-polymer 6-O-phosphono-beta-D-fructofuranose
4 non-polymer 'MAGNESIUM ION'
5 non-polymer 'PHOSPHATE ION'
6 non-polymer 'PHOSPHOAMINOPHOSPHONIC ACID-ADENYLATE ESTER'
7 non-polymer 'SUCCINIC ACID'
8 water water
#
_entity_poly.entity_id   1
_entity_poly.type   'polypeptide(L)'
_entity_poly.pdbx_seq_one_letter_code
;MASPRELTQNPLKKIFMPYSNGRPALHASQRGVCMTNCPTLIVMVGLPARGKTYISKKLTRYLNFIGVPTREFNVGQYRR
DMVKTYKSFEFFLPDNEEGLKIRKQCALAALNDVRKFLSEEGGHVAVFDATNTTRERRAMIFNFGEQNGYKTFFVESICV
DPEVIAANIVQVKLGSPDYVNRDSDEATEDFMRRIECYENSYESLDEEQDRDLSYIKIMDVGQSYVVNRVADHIQSRIVY
YLMNIHVTPRSIYLCRAGESELNLKGRIGGDPGLSPRGREFSKHLAQFISDQNIKDLKVFTSQMKRTIQTAEALSVPYEQ
FKVLNEIDAGVCEEMTYEEIQDHYPLEFALRDQDKYRYRYPKGESYEDLVQRLEPVIMELERQENVLVICHQAVMRCLLA
YFLDKAAEELPYLKCPLHTVLKLTPVAYGCKVESIFLNVAAVNTHRDRPQNVDISRPSEEALVTVPAHQ
;
_entity_poly.pdbx_strand_id   A,B
#
loop_
_chem_comp.id
_chem_comp.type
_chem_comp.name
_chem_comp.formula
ANP non-polymer 'PHOSPHOAMINOPHOSPHONIC ACID-ADENYLATE ESTER' 'C10 H17 N6 O12 P3'
BOG D-saccharide 'octyl beta-D-glucopyranoside' 'C14 H28 O6'
F6P D-saccharide, beta linking 6-O-phosphono-beta-D-fructofuranose 'C6 H13 O9 P'
MG non-polymer 'MAGNESIUM ION' 'Mg 2'
PO4 non-polymer 'PHOSPHATE ION' 'O4 P -3'
SIN non-polymer 'SUCCINIC ACID' 'C4 H6 O4'
#
# COMPACT_ATOMS: atom_id res chain seq x y z
N CYS A 38 -0.12 -15.14 -15.43
CA CYS A 38 -0.40 -16.24 -14.48
C CYS A 38 -1.54 -15.86 -13.56
N PRO A 39 -2.66 -16.55 -13.68
CA PRO A 39 -3.75 -16.19 -12.77
C PRO A 39 -3.30 -16.72 -11.43
N THR A 40 -3.97 -16.35 -10.36
CA THR A 40 -3.57 -16.81 -9.03
C THR A 40 -4.61 -17.72 -8.42
N LEU A 41 -4.14 -18.76 -7.74
CA LEU A 41 -5.03 -19.68 -7.07
C LEU A 41 -4.78 -19.54 -5.57
N ILE A 42 -5.73 -18.94 -4.88
CA ILE A 42 -5.62 -18.79 -3.44
C ILE A 42 -6.27 -20.05 -2.86
N VAL A 43 -5.54 -20.79 -2.03
CA VAL A 43 -6.05 -22.01 -1.40
C VAL A 43 -6.24 -21.81 0.09
N MET A 44 -7.49 -21.85 0.55
CA MET A 44 -7.80 -21.71 1.96
C MET A 44 -7.44 -22.99 2.67
N VAL A 45 -6.88 -22.87 3.87
CA VAL A 45 -6.47 -23.99 4.69
C VAL A 45 -6.92 -23.74 6.12
N GLY A 46 -7.46 -24.79 6.75
CA GLY A 46 -7.92 -24.71 8.13
C GLY A 46 -9.14 -25.56 8.47
N LEU A 47 -9.32 -25.80 9.76
CA LEU A 47 -10.45 -26.58 10.28
C LEU A 47 -11.70 -25.75 10.16
N PRO A 48 -12.87 -26.42 10.24
CA PRO A 48 -14.19 -25.81 10.15
C PRO A 48 -14.34 -24.81 11.26
N ALA A 49 -15.08 -23.75 10.98
CA ALA A 49 -15.31 -22.67 11.93
C ALA A 49 -14.04 -21.87 12.28
N ARG A 50 -13.13 -21.77 11.31
CA ARG A 50 -11.90 -21.03 11.51
C ARG A 50 -11.90 -19.70 10.77
N GLY A 51 -13.02 -19.39 10.11
CA GLY A 51 -13.16 -18.17 9.36
C GLY A 51 -12.65 -18.24 7.95
N LYS A 52 -12.44 -19.45 7.42
CA LYS A 52 -11.93 -19.57 6.04
C LYS A 52 -12.87 -18.88 5.06
N THR A 53 -14.16 -19.12 5.22
CA THR A 53 -15.13 -18.54 4.31
C THR A 53 -15.24 -17.03 4.46
N TYR A 54 -15.26 -16.59 5.71
CA TYR A 54 -15.33 -15.17 6.00
C TYR A 54 -14.20 -14.45 5.27
N ILE A 55 -12.99 -14.98 5.43
CA ILE A 55 -11.77 -14.44 4.81
C ILE A 55 -11.86 -14.51 3.30
N SER A 56 -12.38 -15.62 2.79
CA SER A 56 -12.51 -15.83 1.36
C SER A 56 -13.44 -14.77 0.73
N LYS A 57 -14.51 -14.43 1.43
CA LYS A 57 -15.46 -13.43 0.93
C LYS A 57 -14.94 -12.01 1.03
N LYS A 58 -14.22 -11.70 2.09
CA LYS A 58 -13.66 -10.37 2.23
C LYS A 58 -12.58 -10.16 1.16
N LEU A 59 -11.71 -11.15 1.00
CA LEU A 59 -10.65 -11.11 0.02
C LEU A 59 -11.18 -11.04 -1.41
N THR A 60 -12.24 -11.79 -1.70
CA THR A 60 -12.84 -11.79 -3.04
C THR A 60 -13.51 -10.45 -3.36
N ARG A 61 -14.22 -9.89 -2.38
CA ARG A 61 -14.90 -8.62 -2.53
C ARG A 61 -13.87 -7.51 -2.73
N TYR A 62 -12.84 -7.49 -1.89
CA TYR A 62 -11.80 -6.50 -1.97
C TYR A 62 -11.15 -6.51 -3.32
N LEU A 63 -10.68 -7.68 -3.74
CA LEU A 63 -10.01 -7.82 -5.03
C LEU A 63 -10.88 -7.35 -6.19
N ASN A 64 -12.15 -7.71 -6.19
CA ASN A 64 -13.05 -7.26 -7.24
C ASN A 64 -13.18 -5.74 -7.22
N PHE A 65 -13.33 -5.15 -6.03
CA PHE A 65 -13.47 -3.69 -5.88
C PHE A 65 -12.28 -2.95 -6.54
N ILE A 66 -11.07 -3.45 -6.36
CA ILE A 66 -9.94 -2.80 -6.96
C ILE A 66 -9.73 -3.25 -8.40
N GLY A 67 -10.76 -3.88 -8.96
CA GLY A 67 -10.74 -4.31 -10.36
C GLY A 67 -9.96 -5.52 -10.79
N VAL A 68 -9.79 -6.50 -9.90
CA VAL A 68 -9.09 -7.74 -10.21
C VAL A 68 -10.18 -8.80 -10.21
N PRO A 69 -10.63 -9.24 -11.40
CA PRO A 69 -11.69 -10.26 -11.52
C PRO A 69 -11.38 -11.48 -10.64
N THR A 70 -12.15 -11.62 -9.57
CA THR A 70 -11.94 -12.70 -8.62
C THR A 70 -13.24 -13.43 -8.31
N ARG A 71 -13.11 -14.74 -8.09
CA ARG A 71 -14.25 -15.58 -7.76
C ARG A 71 -13.86 -16.65 -6.72
N GLU A 72 -14.73 -16.81 -5.74
CA GLU A 72 -14.53 -17.80 -4.70
C GLU A 72 -15.30 -19.06 -5.07
N PHE A 73 -14.76 -20.21 -4.66
CA PHE A 73 -15.36 -21.51 -4.90
C PHE A 73 -15.45 -22.26 -3.57
N ASN A 74 -16.65 -22.26 -2.98
CA ASN A 74 -16.89 -22.92 -1.70
C ASN A 74 -17.26 -24.38 -1.89
N VAL A 75 -16.36 -25.27 -1.49
CA VAL A 75 -16.57 -26.72 -1.66
C VAL A 75 -17.77 -27.29 -0.91
N GLY A 76 -18.09 -26.69 0.24
CA GLY A 76 -19.23 -27.13 1.02
C GLY A 76 -20.52 -26.82 0.31
N GLN A 77 -20.55 -25.71 -0.45
CA GLN A 77 -21.75 -25.35 -1.18
C GLN A 77 -21.91 -26.33 -2.34
N TYR A 78 -20.80 -26.79 -2.89
CA TYR A 78 -20.86 -27.75 -3.98
C TYR A 78 -21.50 -29.03 -3.41
N ARG A 79 -21.05 -29.40 -2.21
CA ARG A 79 -21.55 -30.57 -1.53
C ARG A 79 -23.05 -30.42 -1.24
N ARG A 80 -23.45 -29.28 -0.71
CA ARG A 80 -24.86 -29.06 -0.42
C ARG A 80 -25.72 -29.17 -1.68
N ASP A 81 -25.28 -28.55 -2.77
CA ASP A 81 -26.05 -28.57 -4.00
C ASP A 81 -26.08 -29.95 -4.62
N MET A 82 -25.01 -30.73 -4.47
CA MET A 82 -25.00 -32.07 -5.03
C MET A 82 -25.97 -33.00 -4.28
N VAL A 83 -25.78 -33.12 -2.96
CA VAL A 83 -26.58 -34.02 -2.11
C VAL A 83 -28.05 -33.67 -1.78
N LYS A 84 -28.30 -32.41 -1.43
CA LYS A 84 -29.65 -31.92 -1.14
C LYS A 84 -30.26 -32.40 0.18
N THR A 85 -29.86 -33.57 0.62
CA THR A 85 -30.41 -34.11 1.83
C THR A 85 -29.43 -33.87 2.99
N TYR A 86 -29.95 -33.78 4.21
CA TYR A 86 -29.13 -33.57 5.40
C TYR A 86 -28.09 -34.66 5.62
N LYS A 87 -26.90 -34.26 6.08
CA LYS A 87 -25.78 -35.18 6.35
C LYS A 87 -25.19 -35.03 7.77
N SER A 88 -25.12 -36.14 8.49
CA SER A 88 -24.55 -36.12 9.84
C SER A 88 -23.04 -36.12 9.74
N PHE A 89 -22.38 -36.09 10.89
CA PHE A 89 -20.93 -36.06 10.91
C PHE A 89 -20.35 -37.30 10.24
N GLU A 90 -21.08 -38.40 10.30
CA GLU A 90 -20.63 -39.66 9.72
C GLU A 90 -20.25 -39.56 8.26
N PHE A 91 -21.00 -38.74 7.51
CA PHE A 91 -20.77 -38.53 6.10
C PHE A 91 -19.34 -38.04 5.80
N PHE A 92 -18.80 -37.27 6.72
CA PHE A 92 -17.45 -36.74 6.66
C PHE A 92 -16.39 -37.65 7.27
N LEU A 93 -16.74 -38.87 7.64
CA LEU A 93 -15.76 -39.75 8.26
C LEU A 93 -14.68 -40.18 7.29
N PRO A 94 -13.45 -40.31 7.79
CA PRO A 94 -12.28 -40.72 6.99
C PRO A 94 -12.51 -42.03 6.26
N ASP A 95 -13.40 -42.85 6.81
CA ASP A 95 -13.66 -44.17 6.24
C ASP A 95 -14.99 -44.31 5.53
N ASN A 96 -15.92 -43.39 5.77
CA ASN A 96 -17.23 -43.45 5.11
C ASN A 96 -16.98 -43.45 3.60
N GLU A 97 -17.15 -44.61 2.98
CA GLU A 97 -16.90 -44.75 1.55
C GLU A 97 -17.79 -43.93 0.63
N GLU A 98 -19.06 -43.85 0.94
CA GLU A 98 -20.03 -43.11 0.11
C GLU A 98 -19.79 -41.60 0.15
N GLY A 99 -19.46 -41.10 1.34
CA GLY A 99 -19.22 -39.68 1.56
C GLY A 99 -17.85 -39.21 1.12
N LEU A 100 -16.85 -40.08 1.25
CA LEU A 100 -15.50 -39.76 0.83
C LEU A 100 -15.52 -39.50 -0.67
N LYS A 101 -16.40 -40.23 -1.36
CA LYS A 101 -16.54 -40.12 -2.81
C LYS A 101 -17.27 -38.85 -3.24
N ILE A 102 -18.38 -38.56 -2.61
CA ILE A 102 -19.13 -37.36 -2.93
C ILE A 102 -18.31 -36.11 -2.63
N ARG A 103 -17.52 -36.15 -1.58
CA ARG A 103 -16.72 -35.00 -1.23
C ARG A 103 -15.60 -34.84 -2.23
N LYS A 104 -15.10 -35.97 -2.75
CA LYS A 104 -14.05 -35.97 -3.78
C LYS A 104 -14.62 -35.47 -5.10
N GLN A 105 -15.89 -35.78 -5.38
CA GLN A 105 -16.52 -35.32 -6.62
C GLN A 105 -16.85 -33.81 -6.52
N CYS A 106 -17.03 -33.33 -5.30
CA CYS A 106 -17.31 -31.91 -5.11
C CYS A 106 -16.03 -31.08 -5.15
N ALA A 107 -14.94 -31.68 -4.69
CA ALA A 107 -13.66 -30.99 -4.72
C ALA A 107 -13.17 -30.86 -6.15
N LEU A 108 -13.35 -31.89 -6.94
CA LEU A 108 -12.89 -31.81 -8.31
C LEU A 108 -13.80 -30.95 -9.15
N ALA A 109 -15.08 -30.96 -8.81
CA ALA A 109 -16.07 -30.18 -9.54
C ALA A 109 -15.70 -28.71 -9.41
N ALA A 110 -15.41 -28.30 -8.17
CA ALA A 110 -15.02 -26.92 -7.86
C ALA A 110 -13.73 -26.52 -8.56
N LEU A 111 -12.76 -27.44 -8.57
CA LEU A 111 -11.47 -27.22 -9.23
C LEU A 111 -11.59 -27.10 -10.74
N ASN A 112 -12.57 -27.77 -11.32
CA ASN A 112 -12.78 -27.68 -12.75
C ASN A 112 -13.37 -26.30 -13.08
N ASP A 113 -14.14 -25.74 -12.16
CA ASP A 113 -14.71 -24.43 -12.35
C ASP A 113 -13.66 -23.36 -12.12
N VAL A 114 -12.68 -23.65 -11.26
CA VAL A 114 -11.57 -22.72 -10.98
C VAL A 114 -10.83 -22.59 -12.30
N ARG A 115 -10.61 -23.74 -12.93
CA ARG A 115 -9.94 -23.81 -14.22
C ARG A 115 -10.73 -23.08 -15.28
N LYS A 116 -12.04 -23.30 -15.35
CA LYS A 116 -12.84 -22.62 -16.37
C LYS A 116 -12.76 -21.12 -16.19
N PHE A 117 -12.83 -20.65 -14.95
CA PHE A 117 -12.80 -19.22 -14.66
C PHE A 117 -11.49 -18.57 -15.03
N LEU A 118 -10.37 -19.11 -14.55
CA LEU A 118 -9.06 -18.53 -14.80
C LEU A 118 -8.51 -18.74 -16.19
N SER A 119 -8.78 -19.91 -16.74
CA SER A 119 -8.31 -20.23 -18.07
C SER A 119 -9.25 -19.95 -19.24
N GLU A 120 -10.56 -19.93 -19.00
CA GLU A 120 -11.50 -19.64 -20.09
C GLU A 120 -12.34 -18.37 -19.96
N GLU A 121 -12.64 -17.95 -18.75
CA GLU A 121 -13.46 -16.77 -18.58
C GLU A 121 -12.71 -15.48 -18.37
N GLY A 122 -11.39 -15.59 -18.30
CA GLY A 122 -10.58 -14.42 -18.09
C GLY A 122 -10.51 -13.94 -16.65
N GLY A 123 -10.74 -14.82 -15.68
CA GLY A 123 -10.65 -14.39 -14.28
C GLY A 123 -9.19 -14.24 -13.93
N HIS A 124 -8.88 -13.50 -12.87
CA HIS A 124 -7.49 -13.27 -12.48
C HIS A 124 -7.07 -14.03 -11.23
N VAL A 125 -7.99 -14.12 -10.27
CA VAL A 125 -7.76 -14.80 -9.00
C VAL A 125 -8.94 -15.69 -8.62
N ALA A 126 -8.66 -16.91 -8.20
CA ALA A 126 -9.71 -17.83 -7.79
C ALA A 126 -9.41 -18.23 -6.37
N VAL A 127 -10.41 -18.12 -5.50
CA VAL A 127 -10.24 -18.50 -4.11
C VAL A 127 -10.92 -19.87 -3.93
N PHE A 128 -10.12 -20.87 -3.64
CA PHE A 128 -10.60 -22.23 -3.42
C PHE A 128 -10.81 -22.42 -1.92
N ASP A 129 -12.06 -22.24 -1.47
CA ASP A 129 -12.45 -22.38 -0.07
C ASP A 129 -12.80 -23.83 0.36
N ALA A 130 -11.85 -24.51 1.01
CA ALA A 130 -12.04 -25.86 1.51
C ALA A 130 -11.09 -26.00 2.69
N THR A 131 -11.24 -27.05 3.50
CA THR A 131 -10.36 -27.25 4.65
C THR A 131 -8.91 -27.41 4.23
N ASN A 132 -8.68 -28.29 3.24
CA ASN A 132 -7.32 -28.54 2.71
C ASN A 132 -6.31 -28.68 3.84
N THR A 133 -6.68 -29.52 4.79
CA THR A 133 -5.87 -29.74 5.98
C THR A 133 -4.74 -30.76 5.93
N THR A 134 -4.50 -31.42 4.81
CA THR A 134 -3.39 -32.39 4.78
C THR A 134 -2.32 -31.99 3.79
N ARG A 135 -1.08 -32.41 4.01
CA ARG A 135 0.00 -32.09 3.10
C ARG A 135 -0.25 -32.63 1.72
N GLU A 136 -0.67 -33.89 1.66
CA GLU A 136 -0.98 -34.59 0.41
C GLU A 136 -2.08 -33.91 -0.41
N ARG A 137 -3.12 -33.40 0.26
CA ARG A 137 -4.20 -32.72 -0.45
C ARG A 137 -3.66 -31.45 -1.06
N ARG A 138 -3.01 -30.62 -0.23
CA ARG A 138 -2.45 -29.35 -0.66
C ARG A 138 -1.46 -29.51 -1.79
N ALA A 139 -0.81 -30.66 -1.86
CA ALA A 139 0.15 -30.89 -2.93
C ALA A 139 -0.60 -31.26 -4.19
N MET A 140 -1.76 -31.92 -4.07
CA MET A 140 -2.58 -32.23 -5.25
C MET A 140 -3.08 -30.94 -5.86
N ILE A 141 -3.68 -30.09 -5.03
CA ILE A 141 -4.16 -28.78 -5.43
C ILE A 141 -3.05 -27.94 -6.06
N PHE A 142 -1.87 -27.97 -5.45
CA PHE A 142 -0.72 -27.25 -5.92
C PHE A 142 -0.31 -27.73 -7.30
N ASN A 143 -0.31 -29.04 -7.51
CA ASN A 143 0.05 -29.55 -8.82
C ASN A 143 -0.95 -29.11 -9.87
N PHE A 144 -2.23 -29.04 -9.49
CA PHE A 144 -3.31 -28.61 -10.39
C PHE A 144 -2.96 -27.21 -10.85
N GLY A 145 -2.61 -26.37 -9.90
CA GLY A 145 -2.25 -25.01 -10.24
C GLY A 145 -1.03 -24.93 -11.15
N GLU A 146 -0.06 -25.79 -10.87
CA GLU A 146 1.17 -25.83 -11.62
C GLU A 146 0.92 -26.18 -13.11
N GLN A 147 0.13 -27.23 -13.32
CA GLN A 147 -0.22 -27.75 -14.65
C GLN A 147 -1.06 -26.78 -15.48
N ASN A 148 -1.89 -26.00 -14.81
CA ASN A 148 -2.73 -25.02 -15.48
C ASN A 148 -2.09 -23.63 -15.64
N GLY A 149 -0.83 -23.52 -15.23
CA GLY A 149 -0.11 -22.26 -15.37
C GLY A 149 -0.45 -21.18 -14.36
N TYR A 150 -0.94 -21.59 -13.18
CA TYR A 150 -1.30 -20.65 -12.13
C TYR A 150 -0.19 -20.56 -11.07
N LYS A 151 -0.24 -19.51 -10.26
CA LYS A 151 0.67 -19.36 -9.14
C LYS A 151 -0.21 -19.68 -7.93
N THR A 152 0.25 -20.58 -7.08
CA THR A 152 -0.51 -20.97 -5.91
C THR A 152 -0.03 -20.24 -4.65
N PHE A 153 -1.01 -19.77 -3.86
CA PHE A 153 -0.76 -19.05 -2.61
C PHE A 153 -1.76 -19.57 -1.57
N PHE A 154 -1.25 -20.04 -0.42
CA PHE A 154 -2.12 -20.59 0.65
C PHE A 154 -2.46 -19.63 1.75
N VAL A 155 -3.70 -19.68 2.22
CA VAL A 155 -4.11 -18.82 3.32
C VAL A 155 -4.64 -19.72 4.42
N GLU A 156 -3.86 -19.92 5.46
CA GLU A 156 -4.29 -20.76 6.57
C GLU A 156 -4.81 -19.93 7.74
N SER A 157 -6.01 -20.28 8.23
CA SER A 157 -6.60 -19.61 9.39
C SER A 157 -6.60 -20.59 10.60
N ILE A 158 -5.88 -20.21 11.66
CA ILE A 158 -5.76 -21.01 12.87
C ILE A 158 -6.44 -20.41 14.11
N CYS A 159 -7.18 -21.22 14.83
CA CYS A 159 -7.85 -20.74 16.03
C CYS A 159 -7.84 -21.86 17.08
N VAL A 160 -7.00 -21.72 18.11
CA VAL A 160 -6.93 -22.73 19.16
C VAL A 160 -7.63 -22.27 20.45
N ASP A 161 -8.38 -21.17 20.34
CA ASP A 161 -9.15 -20.60 21.44
C ASP A 161 -10.61 -21.09 21.37
N PRO A 162 -11.02 -21.88 22.36
CA PRO A 162 -12.38 -22.44 22.45
C PRO A 162 -13.57 -21.49 22.59
N GLU A 163 -13.41 -20.34 23.23
CA GLU A 163 -14.52 -19.41 23.33
C GLU A 163 -14.81 -18.85 21.93
N VAL A 164 -13.73 -18.66 21.17
CA VAL A 164 -13.79 -18.15 19.81
C VAL A 164 -14.47 -19.18 18.92
N ILE A 165 -14.13 -20.45 19.11
CA ILE A 165 -14.74 -21.52 18.34
C ILE A 165 -16.22 -21.63 18.70
N ALA A 166 -16.55 -21.69 19.98
CA ALA A 166 -17.93 -21.76 20.44
C ALA A 166 -18.70 -20.52 19.96
N ALA A 167 -18.01 -19.39 19.92
CA ALA A 167 -18.65 -18.17 19.46
C ALA A 167 -18.91 -18.33 17.95
N ASN A 168 -17.95 -18.90 17.23
CA ASN A 168 -18.10 -19.06 15.77
C ASN A 168 -19.19 -20.01 15.41
N ILE A 169 -19.18 -21.14 16.09
CA ILE A 169 -20.19 -22.17 15.89
C ILE A 169 -21.59 -21.60 15.99
N VAL A 170 -21.81 -20.64 16.88
CA VAL A 170 -23.13 -20.04 17.01
C VAL A 170 -23.52 -19.20 15.78
N GLN A 171 -22.60 -19.10 14.81
CA GLN A 171 -22.82 -18.41 13.54
C GLN A 171 -23.03 -19.51 12.47
N VAL A 172 -22.30 -20.60 12.61
CA VAL A 172 -22.40 -21.77 11.74
C VAL A 172 -23.78 -22.44 11.98
N LYS A 173 -24.11 -22.57 13.26
CA LYS A 173 -25.35 -23.18 13.72
C LYS A 173 -26.55 -22.31 13.42
N LEU A 174 -26.28 -21.02 13.23
CA LEU A 174 -27.30 -20.04 12.95
C LEU A 174 -27.57 -19.83 11.47
N GLY A 175 -26.53 -19.51 10.71
CA GLY A 175 -26.71 -19.24 9.29
C GLY A 175 -26.44 -20.39 8.34
N SER A 176 -25.99 -21.53 8.85
CA SER A 176 -25.71 -22.63 7.95
C SER A 176 -26.90 -23.47 7.53
N PRO A 177 -27.05 -23.68 6.21
CA PRO A 177 -28.13 -24.47 5.60
C PRO A 177 -28.10 -25.88 6.23
N ASP A 178 -26.89 -26.27 6.63
CA ASP A 178 -26.59 -27.56 7.25
C ASP A 178 -27.33 -27.86 8.55
N TYR A 179 -27.55 -26.83 9.34
CA TYR A 179 -28.17 -27.02 10.62
C TYR A 179 -29.49 -26.33 10.75
N VAL A 180 -30.19 -26.20 9.62
CA VAL A 180 -31.50 -25.59 9.59
C VAL A 180 -32.42 -26.64 10.21
N ASN A 181 -33.36 -26.17 11.03
CA ASN A 181 -34.33 -27.02 11.73
C ASN A 181 -33.67 -28.17 12.52
N ARG A 182 -32.46 -27.91 12.99
CA ARG A 182 -31.73 -28.90 13.76
C ARG A 182 -31.68 -28.55 15.23
N ASP A 183 -31.96 -29.53 16.11
CA ASP A 183 -31.89 -29.29 17.54
C ASP A 183 -30.50 -28.72 17.84
N SER A 184 -30.48 -27.67 18.64
CA SER A 184 -29.30 -26.93 19.01
C SER A 184 -28.18 -27.75 19.60
N ASP A 185 -28.50 -28.56 20.61
CA ASP A 185 -27.48 -29.39 21.26
C ASP A 185 -26.93 -30.50 20.40
N GLU A 186 -27.77 -31.00 19.49
CA GLU A 186 -27.38 -32.07 18.59
C GLU A 186 -26.55 -31.47 17.47
N ALA A 187 -27.01 -30.34 16.92
CA ALA A 187 -26.30 -29.63 15.84
C ALA A 187 -24.90 -29.31 16.33
N THR A 188 -24.83 -28.65 17.48
CA THR A 188 -23.58 -28.26 18.09
C THR A 188 -22.63 -29.44 18.30
N GLU A 189 -23.19 -30.54 18.74
CA GLU A 189 -22.46 -31.76 19.00
C GLU A 189 -21.94 -32.35 17.70
N ASP A 190 -22.83 -32.44 16.70
CA ASP A 190 -22.52 -32.98 15.39
C ASP A 190 -21.39 -32.21 14.71
N PHE A 191 -21.46 -30.88 14.76
CA PHE A 191 -20.43 -30.07 14.16
C PHE A 191 -19.07 -30.33 14.82
N MET A 192 -19.05 -30.50 16.16
CA MET A 192 -17.80 -30.77 16.90
C MET A 192 -17.13 -32.04 16.42
N ARG A 193 -17.95 -33.05 16.13
CA ARG A 193 -17.42 -34.33 15.65
C ARG A 193 -16.95 -34.19 14.22
N ARG A 194 -17.55 -33.24 13.50
CA ARG A 194 -17.18 -33.00 12.12
C ARG A 194 -15.78 -32.38 12.07
N ILE A 195 -15.49 -31.51 13.02
CA ILE A 195 -14.20 -30.85 13.12
C ILE A 195 -13.14 -31.91 13.41
N GLU A 196 -13.48 -32.88 14.25
CA GLU A 196 -12.53 -33.95 14.60
C GLU A 196 -12.12 -34.75 13.36
N CYS A 197 -13.06 -34.97 12.46
CA CYS A 197 -12.80 -35.68 11.19
C CYS A 197 -11.64 -35.00 10.43
N TYR A 198 -11.28 -33.79 10.89
CA TYR A 198 -10.20 -33.02 10.28
C TYR A 198 -8.99 -32.86 11.19
N GLU A 199 -9.24 -32.58 12.47
CA GLU A 199 -8.17 -32.37 13.42
C GLU A 199 -7.20 -33.55 13.45
N ASN A 200 -7.73 -34.77 13.38
CA ASN A 200 -6.89 -35.96 13.48
C ASN A 200 -5.80 -36.13 12.44
N SER A 201 -6.06 -35.65 11.23
CA SER A 201 -5.10 -35.75 10.12
C SER A 201 -4.54 -34.37 9.75
N TYR A 202 -4.97 -33.34 10.49
CA TYR A 202 -4.57 -31.96 10.25
C TYR A 202 -3.08 -31.67 10.37
N GLU A 203 -2.48 -31.29 9.25
CA GLU A 203 -1.06 -30.93 9.18
C GLU A 203 -0.95 -29.46 8.76
N SER A 204 -0.71 -28.62 9.74
CA SER A 204 -0.59 -27.20 9.52
C SER A 204 0.65 -26.90 8.65
N LEU A 205 0.62 -25.76 7.96
CA LEU A 205 1.73 -25.35 7.11
C LEU A 205 2.98 -25.22 7.98
N ASP A 206 4.01 -25.97 7.63
CA ASP A 206 5.27 -26.02 8.35
C ASP A 206 6.37 -25.13 7.76
N GLU A 207 7.12 -24.46 8.64
CA GLU A 207 8.21 -23.56 8.27
C GLU A 207 9.27 -24.23 7.42
N GLU A 208 9.56 -25.50 7.73
CA GLU A 208 10.55 -26.27 7.02
C GLU A 208 9.97 -27.12 5.92
N GLN A 209 8.96 -27.92 6.26
CA GLN A 209 8.35 -28.80 5.30
C GLN A 209 7.74 -28.03 4.12
N ASP A 210 7.17 -26.85 4.43
CA ASP A 210 6.54 -26.00 3.42
C ASP A 210 7.30 -24.75 3.07
N ARG A 211 8.60 -24.83 3.24
CA ARG A 211 9.50 -23.73 2.95
C ARG A 211 9.38 -23.22 1.52
N ASP A 212 9.09 -24.10 0.57
CA ASP A 212 9.00 -23.67 -0.81
C ASP A 212 7.64 -23.14 -1.23
N LEU A 213 6.66 -23.25 -0.34
CA LEU A 213 5.33 -22.74 -0.65
C LEU A 213 5.17 -21.27 -0.27
N SER A 214 4.31 -20.58 -1.00
CA SER A 214 4.02 -19.20 -0.72
C SER A 214 2.74 -19.26 0.08
N TYR A 215 2.75 -18.65 1.25
CA TYR A 215 1.57 -18.71 2.08
C TYR A 215 1.52 -17.65 3.19
N ILE A 216 0.40 -17.66 3.92
CA ILE A 216 0.20 -16.81 5.08
C ILE A 216 -0.66 -17.57 6.07
N LYS A 217 -0.19 -17.61 7.32
CA LYS A 217 -0.89 -18.26 8.42
C LYS A 217 -1.39 -17.15 9.31
N ILE A 218 -2.70 -17.11 9.56
CA ILE A 218 -3.30 -16.09 10.41
C ILE A 218 -3.62 -16.73 11.77
N MET A 219 -3.12 -16.14 12.84
CA MET A 219 -3.38 -16.65 14.18
C MET A 219 -4.09 -15.61 15.06
N ASP A 220 -4.67 -16.09 16.15
CA ASP A 220 -5.39 -15.26 17.12
C ASP A 220 -6.31 -14.22 16.50
N VAL A 221 -7.05 -14.69 15.51
CA VAL A 221 -8.04 -13.92 14.76
C VAL A 221 -7.38 -12.68 14.13
N GLY A 222 -6.14 -12.87 13.69
CA GLY A 222 -5.41 -11.78 13.08
C GLY A 222 -4.51 -10.99 14.02
N GLN A 223 -4.08 -11.59 15.12
CA GLN A 223 -3.22 -10.88 16.04
C GLN A 223 -1.78 -11.05 15.54
N SER A 224 -1.45 -12.27 15.12
CA SER A 224 -0.12 -12.61 14.62
C SER A 224 -0.24 -13.26 13.26
N TYR A 225 0.87 -13.28 12.53
CA TYR A 225 0.93 -13.83 11.17
C TYR A 225 2.28 -14.43 10.87
N VAL A 226 2.28 -15.35 9.91
CA VAL A 226 3.50 -15.99 9.44
C VAL A 226 3.35 -15.89 7.95
N VAL A 227 4.35 -15.32 7.30
CA VAL A 227 4.31 -15.16 5.86
C VAL A 227 5.55 -15.80 5.28
N ASN A 228 5.37 -16.54 4.20
CA ASN A 228 6.49 -17.19 3.56
C ASN A 228 6.43 -17.08 2.04
N ARG A 229 7.56 -16.68 1.45
CA ARG A 229 7.74 -16.57 0.02
C ARG A 229 6.72 -15.90 -0.85
N VAL A 230 6.34 -14.67 -0.53
CA VAL A 230 5.42 -13.91 -1.40
C VAL A 230 6.12 -13.82 -2.78
N ALA A 231 5.53 -14.49 -3.77
CA ALA A 231 6.10 -14.58 -5.12
C ALA A 231 5.99 -13.41 -6.07
N ASP A 232 4.98 -12.57 -5.90
CA ASP A 232 4.81 -11.45 -6.80
C ASP A 232 4.01 -10.29 -6.21
N HIS A 233 3.67 -9.33 -7.06
CA HIS A 233 2.95 -8.12 -6.66
C HIS A 233 1.54 -8.36 -6.13
N ILE A 234 0.74 -9.20 -6.79
CA ILE A 234 -0.63 -9.45 -6.34
C ILE A 234 -0.66 -10.13 -4.96
N GLN A 235 0.23 -11.10 -4.75
CA GLN A 235 0.35 -11.81 -3.48
C GLN A 235 0.75 -10.83 -2.38
N SER A 236 1.62 -9.90 -2.72
CA SER A 236 2.09 -8.88 -1.81
C SER A 236 0.96 -7.95 -1.36
N ARG A 237 0.02 -7.68 -2.29
CA ARG A 237 -1.13 -6.85 -1.97
C ARG A 237 -2.15 -7.64 -1.19
N ILE A 238 -2.26 -8.93 -1.47
CA ILE A 238 -3.20 -9.79 -0.77
C ILE A 238 -2.72 -9.90 0.68
N VAL A 239 -1.43 -10.10 0.87
CA VAL A 239 -0.87 -10.22 2.21
C VAL A 239 -1.15 -8.95 2.98
N TYR A 240 -0.85 -7.82 2.35
CA TYR A 240 -1.05 -6.50 2.93
C TYR A 240 -2.49 -6.33 3.37
N TYR A 241 -3.42 -6.71 2.51
CA TYR A 241 -4.82 -6.61 2.85
C TYR A 241 -5.21 -7.52 4.03
N LEU A 242 -4.91 -8.79 3.92
CA LEU A 242 -5.24 -9.76 4.95
C LEU A 242 -4.66 -9.40 6.31
N MET A 243 -3.45 -8.86 6.34
CA MET A 243 -2.84 -8.51 7.62
C MET A 243 -3.50 -7.30 8.26
N ASN A 244 -4.35 -6.60 7.51
CA ASN A 244 -4.98 -5.40 8.04
C ASN A 244 -6.48 -5.45 8.38
N ILE A 245 -7.15 -6.56 8.06
CA ILE A 245 -8.57 -6.75 8.42
C ILE A 245 -8.66 -7.44 9.82
N HIS A 246 -9.80 -7.22 10.49
CA HIS A 246 -10.05 -7.76 11.81
C HIS A 246 -11.54 -7.92 11.99
N VAL A 247 -11.92 -8.55 13.11
CA VAL A 247 -13.32 -8.75 13.44
C VAL A 247 -13.73 -8.10 14.76
N THR A 248 -12.93 -7.14 15.22
CA THR A 248 -13.25 -6.41 16.44
C THR A 248 -14.52 -5.65 16.11
N PRO A 249 -15.57 -5.79 16.95
CA PRO A 249 -16.86 -5.12 16.77
C PRO A 249 -16.66 -3.63 16.75
N ARG A 250 -17.36 -2.97 15.82
CA ARG A 250 -17.26 -1.53 15.66
C ARG A 250 -18.21 -1.05 14.57
N SER A 251 -18.24 0.26 14.40
CA SER A 251 -19.10 0.83 13.39
C SER A 251 -18.37 1.86 12.54
N ILE A 252 -18.80 1.95 11.29
CA ILE A 252 -18.27 2.90 10.33
C ILE A 252 -19.40 3.88 9.98
N TYR A 253 -19.19 5.14 10.31
CA TYR A 253 -20.18 6.16 10.03
C TYR A 253 -19.72 6.98 8.84
N LEU A 254 -20.63 7.09 7.88
CA LEU A 254 -20.37 7.84 6.67
C LEU A 254 -21.46 8.87 6.48
N CYS A 255 -21.04 10.07 6.12
CA CYS A 255 -21.95 11.17 5.84
C CYS A 255 -21.15 12.21 5.06
N ARG A 256 -21.87 13.01 4.29
CA ARG A 256 -21.26 14.04 3.48
C ARG A 256 -21.13 15.25 4.38
N ALA A 257 -20.44 16.28 3.88
CA ALA A 257 -20.31 17.55 4.59
C ALA A 257 -21.71 18.16 4.50
N GLY A 258 -22.01 19.14 5.35
CA GLY A 258 -23.32 19.75 5.28
C GLY A 258 -23.54 20.45 3.94
N GLU A 259 -24.78 20.87 3.71
CA GLU A 259 -25.16 21.57 2.50
C GLU A 259 -24.22 22.78 2.33
N SER A 260 -23.71 22.99 1.12
CA SER A 260 -22.80 24.10 0.87
C SER A 260 -23.42 25.18 -0.01
N GLU A 261 -22.70 26.27 -0.19
CA GLU A 261 -23.16 27.38 -1.03
C GLU A 261 -23.48 26.88 -2.45
N LEU A 262 -22.63 25.99 -2.98
CA LEU A 262 -22.80 25.46 -4.34
C LEU A 262 -23.87 24.38 -4.44
N ASN A 263 -24.19 23.77 -3.31
CA ASN A 263 -25.25 22.76 -3.28
C ASN A 263 -26.58 23.46 -3.58
N LEU A 264 -26.73 24.66 -2.99
CA LEU A 264 -27.90 25.53 -3.17
C LEU A 264 -28.02 25.92 -4.65
N LYS A 265 -26.89 26.25 -5.28
CA LYS A 265 -26.87 26.65 -6.69
C LYS A 265 -26.85 25.49 -7.68
N GLY A 266 -26.85 24.26 -7.18
CA GLY A 266 -26.85 23.11 -8.06
C GLY A 266 -25.54 23.04 -8.81
N ARG A 267 -24.47 23.48 -8.15
CA ARG A 267 -23.14 23.43 -8.76
C ARG A 267 -22.26 22.31 -8.18
N ILE A 268 -21.60 21.61 -9.09
CA ILE A 268 -20.74 20.48 -8.73
C ILE A 268 -19.29 20.93 -8.51
N GLY A 269 -18.61 20.22 -7.62
CA GLY A 269 -17.21 20.51 -7.35
C GLY A 269 -16.90 21.77 -6.58
N GLY A 270 -15.74 22.32 -6.85
CA GLY A 270 -15.34 23.55 -6.18
C GLY A 270 -14.95 23.37 -4.72
N ASP A 271 -14.90 24.47 -3.99
CA ASP A 271 -14.53 24.40 -2.60
C ASP A 271 -15.38 25.35 -1.76
N PRO A 272 -16.73 25.29 -1.92
CA PRO A 272 -17.61 26.18 -1.14
C PRO A 272 -17.59 25.93 0.36
N GLY A 273 -18.10 26.88 1.13
CA GLY A 273 -18.18 26.73 2.57
C GLY A 273 -19.59 26.24 2.86
N LEU A 274 -19.93 26.00 4.12
CA LEU A 274 -21.26 25.54 4.46
C LEU A 274 -22.32 26.62 4.29
N SER A 275 -23.55 26.18 3.99
CA SER A 275 -24.69 27.08 3.84
C SER A 275 -25.24 27.20 5.27
N PRO A 276 -26.20 28.12 5.51
CA PRO A 276 -26.74 28.23 6.86
C PRO A 276 -27.25 26.88 7.40
N ARG A 277 -27.74 26.04 6.50
CA ARG A 277 -28.26 24.72 6.86
C ARG A 277 -27.13 23.73 7.16
N GLY A 278 -26.06 23.81 6.36
CA GLY A 278 -24.92 22.93 6.54
C GLY A 278 -24.34 23.14 7.94
N ARG A 279 -24.29 24.40 8.38
CA ARG A 279 -23.79 24.79 9.72
C ARG A 279 -24.71 24.18 10.79
N GLU A 280 -26.02 24.25 10.53
CA GLU A 280 -27.08 23.73 11.42
C GLU A 280 -26.89 22.22 11.55
N PHE A 281 -26.65 21.55 10.42
CA PHE A 281 -26.40 20.11 10.40
C PHE A 281 -25.18 19.78 11.27
N SER A 282 -24.08 20.51 11.07
CA SER A 282 -22.87 20.33 11.85
C SER A 282 -23.23 20.23 13.33
N LYS A 283 -24.15 21.10 13.76
CA LYS A 283 -24.60 21.15 15.14
C LYS A 283 -25.43 19.92 15.52
N HIS A 284 -26.08 19.32 14.53
CA HIS A 284 -26.90 18.11 14.71
C HIS A 284 -26.10 16.83 14.73
N LEU A 285 -25.04 16.81 13.92
CA LEU A 285 -24.14 15.68 13.81
C LEU A 285 -23.39 15.55 15.14
N ALA A 286 -22.91 16.69 15.67
CA ALA A 286 -22.17 16.75 16.95
C ALA A 286 -22.99 16.10 18.04
N GLN A 287 -24.29 16.44 18.08
CA GLN A 287 -25.21 15.89 19.07
C GLN A 287 -25.42 14.39 18.89
N PHE A 288 -25.65 13.96 17.65
CA PHE A 288 -25.86 12.54 17.34
C PHE A 288 -24.64 11.72 17.78
N ILE A 289 -23.45 12.23 17.47
CA ILE A 289 -22.20 11.57 17.83
C ILE A 289 -22.08 11.34 19.34
N SER A 290 -22.52 12.34 20.12
CA SER A 290 -22.48 12.23 21.59
C SER A 290 -23.51 11.22 22.05
N ASP A 291 -24.75 11.37 21.60
CA ASP A 291 -25.84 10.46 21.96
C ASP A 291 -25.44 9.02 21.69
N GLN A 292 -24.65 8.82 20.65
CA GLN A 292 -24.18 7.49 20.28
C GLN A 292 -23.27 6.86 21.32
N ASN A 293 -22.55 7.69 22.07
CA ASN A 293 -21.64 7.24 23.14
C ASN A 293 -20.68 6.17 22.63
N ILE A 294 -19.83 6.57 21.70
CA ILE A 294 -18.86 5.69 21.06
C ILE A 294 -17.48 5.65 21.71
N LYS A 295 -16.88 4.47 21.74
CA LYS A 295 -15.55 4.30 22.29
C LYS A 295 -14.49 4.65 21.24
N ASP A 296 -13.64 5.62 21.56
CA ASP A 296 -12.54 6.08 20.70
C ASP A 296 -12.91 6.30 19.24
N LEU A 297 -13.75 7.30 18.97
CA LEU A 297 -14.18 7.59 17.61
C LEU A 297 -13.13 8.41 16.88
N LYS A 298 -12.66 7.87 15.75
CA LYS A 298 -11.69 8.58 14.92
C LYS A 298 -12.50 9.26 13.83
N VAL A 299 -12.27 10.57 13.65
CA VAL A 299 -12.98 11.31 12.64
C VAL A 299 -12.03 11.75 11.52
N PHE A 300 -12.46 11.52 10.28
CA PHE A 300 -11.68 11.90 9.10
C PHE A 300 -12.50 12.83 8.21
N THR A 301 -11.83 13.77 7.56
CA THR A 301 -12.48 14.70 6.64
C THR A 301 -11.56 14.88 5.44
N SER A 302 -12.06 15.51 4.38
CA SER A 302 -11.23 15.77 3.21
C SER A 302 -10.54 17.12 3.47
N GLN A 303 -9.80 17.64 2.50
CA GLN A 303 -9.13 18.90 2.71
C GLN A 303 -9.96 20.07 2.21
N MET A 304 -11.21 19.76 1.86
CA MET A 304 -12.15 20.75 1.37
C MET A 304 -12.88 21.37 2.55
N LYS A 305 -13.03 22.69 2.52
CA LYS A 305 -13.68 23.36 3.64
C LYS A 305 -15.02 22.85 4.12
N ARG A 306 -15.91 22.51 3.20
CA ARG A 306 -17.21 22.02 3.63
C ARG A 306 -17.15 20.88 4.62
N THR A 307 -16.15 19.99 4.49
CA THR A 307 -16.01 18.86 5.41
C THR A 307 -15.37 19.25 6.74
N ILE A 308 -14.37 20.11 6.65
CA ILE A 308 -13.64 20.58 7.83
C ILE A 308 -14.55 21.42 8.69
N GLN A 309 -15.30 22.30 8.03
CA GLN A 309 -16.25 23.17 8.71
C GLN A 309 -17.30 22.34 9.44
N THR A 310 -17.70 21.23 8.82
CA THR A 310 -18.72 20.32 9.37
C THR A 310 -18.15 19.57 10.59
N ALA A 311 -16.86 19.27 10.52
CA ALA A 311 -16.15 18.58 11.58
C ALA A 311 -15.94 19.48 12.78
N GLU A 312 -15.67 20.76 12.53
CA GLU A 312 -15.43 21.75 13.60
C GLU A 312 -16.49 21.78 14.70
N ALA A 313 -17.68 21.27 14.39
CA ALA A 313 -18.79 21.29 15.33
C ALA A 313 -18.96 20.12 16.28
N LEU A 314 -18.10 19.11 16.20
CA LEU A 314 -18.22 17.93 17.09
C LEU A 314 -17.48 18.20 18.39
N SER A 315 -17.52 17.25 19.32
CA SER A 315 -16.81 17.49 20.58
C SER A 315 -15.42 16.87 20.56
N VAL A 316 -15.13 16.08 19.51
CA VAL A 316 -13.84 15.41 19.35
C VAL A 316 -12.98 15.93 18.19
N PRO A 317 -11.64 15.82 18.32
CA PRO A 317 -10.72 16.26 17.27
C PRO A 317 -10.76 15.37 16.01
N TYR A 318 -10.09 15.79 14.94
CA TYR A 318 -10.15 15.03 13.70
C TYR A 318 -8.92 15.26 12.83
N GLU A 319 -8.80 14.45 11.78
CA GLU A 319 -7.68 14.55 10.85
C GLU A 319 -8.24 14.73 9.45
N GLN A 320 -7.53 15.51 8.64
CA GLN A 320 -7.95 15.77 7.27
C GLN A 320 -7.03 15.19 6.21
N PHE A 321 -7.65 14.71 5.13
CA PHE A 321 -6.93 14.07 4.04
C PHE A 321 -7.41 14.44 2.64
N LYS A 322 -6.46 14.80 1.78
CA LYS A 322 -6.78 15.19 0.42
C LYS A 322 -7.25 14.03 -0.43
N VAL A 323 -6.91 12.82 -0.01
CA VAL A 323 -7.31 11.62 -0.74
C VAL A 323 -8.82 11.46 -0.63
N LEU A 324 -9.42 12.12 0.36
CA LEU A 324 -10.87 12.08 0.57
C LEU A 324 -11.61 13.15 -0.22
N ASN A 325 -10.87 14.02 -0.91
CA ASN A 325 -11.46 15.11 -1.71
C ASN A 325 -12.50 14.61 -2.72
N GLU A 326 -13.50 15.43 -2.98
CA GLU A 326 -14.52 15.02 -3.93
C GLU A 326 -13.96 14.74 -5.30
N ILE A 327 -14.71 13.97 -6.07
CA ILE A 327 -14.32 13.59 -7.41
C ILE A 327 -14.12 14.86 -8.22
N ASP A 328 -13.01 14.87 -8.96
CA ASP A 328 -12.62 15.99 -9.80
C ASP A 328 -13.44 15.95 -11.09
N ALA A 329 -14.12 17.06 -11.39
CA ALA A 329 -14.94 17.17 -12.59
C ALA A 329 -14.16 17.84 -13.72
N GLY A 330 -12.90 18.19 -13.45
CA GLY A 330 -12.06 18.84 -14.46
C GLY A 330 -12.59 20.14 -15.05
N VAL A 331 -12.90 20.09 -16.35
CA VAL A 331 -13.38 21.26 -17.06
C VAL A 331 -14.78 21.65 -16.59
N CYS A 332 -15.57 20.66 -16.18
CA CYS A 332 -16.94 20.89 -15.70
C CYS A 332 -16.99 21.25 -14.21
N GLU A 333 -15.86 21.71 -13.68
CA GLU A 333 -15.78 22.10 -12.27
C GLU A 333 -16.61 23.37 -12.06
N GLU A 334 -17.40 23.40 -10.98
CA GLU A 334 -18.26 24.54 -10.62
C GLU A 334 -19.41 24.83 -11.58
N MET A 335 -19.55 23.98 -12.61
CA MET A 335 -20.62 24.13 -13.58
C MET A 335 -21.92 23.54 -13.07
N THR A 336 -22.96 23.76 -13.86
CA THR A 336 -24.28 23.20 -13.58
C THR A 336 -24.46 22.15 -14.68
N TYR A 337 -25.48 21.30 -14.53
CA TYR A 337 -25.74 20.26 -15.51
C TYR A 337 -26.18 20.88 -16.83
N GLU A 338 -26.94 21.98 -16.74
CA GLU A 338 -27.43 22.70 -17.91
C GLU A 338 -26.20 23.19 -18.69
N GLU A 339 -25.24 23.75 -17.95
CA GLU A 339 -24.00 24.27 -18.51
C GLU A 339 -23.11 23.20 -19.11
N ILE A 340 -23.12 22.01 -18.50
CA ILE A 340 -22.30 20.92 -19.00
C ILE A 340 -22.91 20.43 -20.30
N GLN A 341 -24.24 20.26 -20.32
CA GLN A 341 -24.92 19.79 -21.53
C GLN A 341 -24.63 20.74 -22.73
N ASP A 342 -24.52 22.02 -22.41
CA ASP A 342 -24.34 23.07 -23.39
C ASP A 342 -22.89 23.25 -23.91
N HIS A 343 -21.91 23.07 -23.03
CA HIS A 343 -20.50 23.30 -23.38
C HIS A 343 -19.72 22.06 -23.81
N TYR A 344 -20.11 20.89 -23.31
CA TYR A 344 -19.45 19.63 -23.66
C TYR A 344 -20.58 18.62 -23.71
N PRO A 345 -21.24 18.50 -24.88
CA PRO A 345 -22.36 17.56 -25.06
C PRO A 345 -21.95 16.10 -25.29
N LEU A 346 -20.83 15.89 -25.95
CA LEU A 346 -20.37 14.53 -26.24
C LEU A 346 -20.01 13.77 -24.95
N GLU A 347 -19.46 14.53 -23.99
CA GLU A 347 -18.94 13.97 -22.74
C GLU A 347 -20.02 13.69 -21.73
N PHE A 348 -21.02 14.60 -21.69
CA PHE A 348 -22.17 14.47 -20.72
C PHE A 348 -22.97 13.24 -21.11
N ALA A 349 -23.04 12.97 -22.42
CA ALA A 349 -23.80 11.84 -22.93
C ALA A 349 -23.03 10.55 -22.64
N LEU A 350 -21.71 10.60 -22.89
CA LEU A 350 -20.81 9.45 -22.67
C LEU A 350 -20.76 9.09 -21.19
N ARG A 351 -20.45 10.08 -20.33
CA ARG A 351 -20.45 9.86 -18.90
C ARG A 351 -21.79 9.30 -18.47
N ASP A 352 -22.87 9.75 -19.11
CA ASP A 352 -24.21 9.25 -18.81
C ASP A 352 -24.38 7.78 -19.24
N GLN A 353 -23.54 7.36 -20.17
CA GLN A 353 -23.58 5.99 -20.70
C GLN A 353 -22.81 5.04 -19.78
N ASP A 354 -21.61 5.46 -19.35
CA ASP A 354 -20.78 4.68 -18.44
C ASP A 354 -20.28 5.65 -17.38
N LYS A 355 -21.16 5.91 -16.41
CA LYS A 355 -20.84 6.82 -15.31
C LYS A 355 -19.70 6.34 -14.41
N TYR A 356 -19.30 5.07 -14.59
CA TYR A 356 -18.20 4.50 -13.81
C TYR A 356 -16.89 4.72 -14.54
N ARG A 357 -16.92 4.55 -15.85
CA ARG A 357 -15.69 4.68 -16.64
C ARG A 357 -15.41 5.98 -17.40
N TYR A 358 -16.46 6.65 -17.89
CA TYR A 358 -16.24 7.90 -18.63
C TYR A 358 -16.01 9.08 -17.71
N ARG A 359 -15.02 9.89 -18.07
CA ARG A 359 -14.66 11.06 -17.27
C ARG A 359 -14.82 12.37 -18.03
N TYR A 360 -14.95 13.46 -17.29
CA TYR A 360 -15.02 14.78 -17.90
C TYR A 360 -13.55 15.08 -18.23
N PRO A 361 -13.31 16.02 -19.17
CA PRO A 361 -11.93 16.37 -19.56
C PRO A 361 -11.15 16.96 -18.39
N LYS A 362 -10.02 16.32 -18.11
CA LYS A 362 -9.12 16.73 -17.02
C LYS A 362 -9.74 16.39 -15.66
N GLY A 363 -10.74 15.52 -15.68
CA GLY A 363 -11.40 15.10 -14.45
C GLY A 363 -11.14 13.63 -14.19
N GLU A 364 -11.90 13.06 -13.27
CA GLU A 364 -11.78 11.65 -12.90
C GLU A 364 -13.05 10.91 -13.26
N SER A 365 -12.95 9.58 -13.32
CA SER A 365 -14.12 8.72 -13.54
C SER A 365 -14.34 8.13 -12.16
N TYR A 366 -15.49 7.50 -11.92
CA TYR A 366 -15.73 6.88 -10.63
C TYR A 366 -14.70 5.74 -10.44
N GLU A 367 -14.27 5.18 -11.57
CA GLU A 367 -13.27 4.10 -11.58
C GLU A 367 -11.96 4.63 -11.01
N ASP A 368 -11.61 5.85 -11.43
CA ASP A 368 -10.40 6.52 -10.99
C ASP A 368 -10.51 6.85 -9.52
N LEU A 369 -11.70 7.32 -9.12
CA LEU A 369 -11.93 7.67 -7.72
C LEU A 369 -11.69 6.45 -6.84
N VAL A 370 -12.22 5.29 -7.29
CA VAL A 370 -12.07 4.00 -6.60
C VAL A 370 -10.61 3.66 -6.38
N GLN A 371 -9.79 3.85 -7.42
CA GLN A 371 -8.34 3.61 -7.31
C GLN A 371 -7.74 4.56 -6.27
N ARG A 372 -8.16 5.82 -6.32
CA ARG A 372 -7.67 6.84 -5.40
C ARG A 372 -8.03 6.57 -3.96
N LEU A 373 -9.19 5.95 -3.74
CA LEU A 373 -9.68 5.62 -2.39
C LEU A 373 -9.24 4.25 -1.82
N GLU A 374 -8.43 3.49 -2.56
CA GLU A 374 -7.96 2.22 -2.09
C GLU A 374 -7.27 2.40 -0.72
N PRO A 375 -6.44 3.45 -0.55
CA PRO A 375 -5.79 3.60 0.78
C PRO A 375 -6.79 3.96 1.88
N VAL A 376 -7.94 4.51 1.47
CA VAL A 376 -9.01 4.83 2.42
C VAL A 376 -9.69 3.49 2.81
N ILE A 377 -9.93 2.63 1.83
CA ILE A 377 -10.56 1.33 2.09
C ILE A 377 -9.72 0.57 3.12
N MET A 378 -8.41 0.55 2.87
CA MET A 378 -7.44 -0.13 3.72
C MET A 378 -7.51 0.35 5.17
N GLU A 379 -7.44 1.66 5.35
CA GLU A 379 -7.49 2.26 6.68
C GLU A 379 -8.80 2.01 7.38
N LEU A 380 -9.91 2.12 6.64
CA LEU A 380 -11.21 1.88 7.24
C LEU A 380 -11.30 0.44 7.72
N GLU A 381 -10.71 -0.49 6.99
CA GLU A 381 -10.71 -1.88 7.39
C GLU A 381 -9.91 -2.00 8.70
N ARG A 382 -8.77 -1.32 8.75
CA ARG A 382 -7.86 -1.34 9.91
C ARG A 382 -8.39 -0.62 11.16
N GLN A 383 -9.25 0.35 10.93
CA GLN A 383 -9.86 1.13 12.00
C GLN A 383 -10.93 0.37 12.75
N GLU A 384 -11.34 0.95 13.87
CA GLU A 384 -12.41 0.37 14.66
C GLU A 384 -13.59 1.33 14.50
N ASN A 385 -13.94 2.09 15.52
CA ASN A 385 -15.06 3.03 15.39
C ASN A 385 -14.50 4.23 14.64
N VAL A 386 -15.14 4.57 13.51
CA VAL A 386 -14.66 5.67 12.68
C VAL A 386 -15.79 6.43 12.02
N LEU A 387 -15.64 7.75 11.91
CA LEU A 387 -16.60 8.63 11.23
C LEU A 387 -15.86 9.29 10.07
N VAL A 388 -16.43 9.21 8.87
CA VAL A 388 -15.81 9.84 7.72
C VAL A 388 -16.80 10.89 7.20
N ILE A 389 -16.38 12.15 7.22
CA ILE A 389 -17.19 13.27 6.73
C ILE A 389 -16.61 13.57 5.36
N CYS A 390 -17.37 13.25 4.33
CA CYS A 390 -16.90 13.42 2.97
C CYS A 390 -17.82 14.12 1.95
N HIS A 391 -17.99 13.50 0.78
CA HIS A 391 -18.78 14.06 -0.30
C HIS A 391 -19.61 12.95 -0.96
N GLN A 392 -20.44 13.34 -1.92
CA GLN A 392 -21.33 12.41 -2.64
C GLN A 392 -20.69 11.24 -3.38
N ALA A 393 -19.84 11.54 -4.36
CA ALA A 393 -19.14 10.52 -5.15
C ALA A 393 -18.26 9.65 -4.25
N VAL A 394 -17.45 10.27 -3.39
CA VAL A 394 -16.58 9.53 -2.46
C VAL A 394 -17.45 8.57 -1.58
N MET A 395 -18.52 9.11 -0.98
CA MET A 395 -19.40 8.31 -0.14
C MET A 395 -20.06 7.15 -0.92
N ARG A 396 -20.27 7.32 -2.23
CA ARG A 396 -20.87 6.26 -3.04
C ARG A 396 -19.89 5.13 -3.15
N CYS A 397 -18.64 5.49 -3.39
CA CYS A 397 -17.58 4.51 -3.53
C CYS A 397 -17.41 3.67 -2.26
N LEU A 398 -17.38 4.35 -1.12
CA LEU A 398 -17.20 3.73 0.19
C LEU A 398 -18.39 2.86 0.58
N LEU A 399 -19.58 3.28 0.18
CA LEU A 399 -20.76 2.52 0.48
C LEU A 399 -20.82 1.29 -0.40
N ALA A 400 -20.38 1.42 -1.64
CA ALA A 400 -20.36 0.29 -2.58
C ALA A 400 -19.39 -0.77 -2.08
N TYR A 401 -18.30 -0.37 -1.44
CA TYR A 401 -17.35 -1.35 -0.93
C TYR A 401 -17.94 -2.21 0.22
N PHE A 402 -18.36 -1.56 1.30
CA PHE A 402 -18.93 -2.27 2.44
C PHE A 402 -20.22 -3.04 2.18
N LEU A 403 -21.03 -2.57 1.23
CA LEU A 403 -22.27 -3.26 0.90
C LEU A 403 -22.14 -4.11 -0.36
N ASP A 404 -20.92 -4.22 -0.89
CA ASP A 404 -20.63 -5.02 -2.07
C ASP A 404 -21.50 -4.70 -3.30
N LYS A 405 -21.63 -3.43 -3.63
CA LYS A 405 -22.45 -3.05 -4.78
C LYS A 405 -21.60 -3.03 -6.02
N ALA A 406 -22.11 -3.59 -7.11
CA ALA A 406 -21.37 -3.69 -8.37
C ALA A 406 -20.91 -2.31 -8.85
N ALA A 407 -19.82 -2.27 -9.62
CA ALA A 407 -19.26 -1.02 -10.15
C ALA A 407 -20.31 -0.22 -10.94
N GLU A 408 -21.14 -0.93 -11.71
CA GLU A 408 -22.17 -0.31 -12.53
C GLU A 408 -23.27 0.37 -11.69
N GLU A 409 -23.53 -0.14 -10.49
CA GLU A 409 -24.53 0.43 -9.59
C GLU A 409 -23.95 1.53 -8.67
N LEU A 410 -22.63 1.46 -8.42
CA LEU A 410 -21.93 2.41 -7.54
C LEU A 410 -22.12 3.92 -7.78
N PRO A 411 -21.93 4.39 -9.04
CA PRO A 411 -22.10 5.82 -9.33
C PRO A 411 -23.52 6.34 -9.09
N TYR A 412 -24.47 5.45 -8.74
CA TYR A 412 -25.86 5.84 -8.54
C TYR A 412 -26.46 5.63 -7.16
N LEU A 413 -25.67 5.17 -6.20
CA LEU A 413 -26.21 4.93 -4.86
C LEU A 413 -26.71 6.26 -4.26
N LYS A 414 -27.74 6.22 -3.43
CA LYS A 414 -28.24 7.44 -2.81
C LYS A 414 -27.53 7.79 -1.51
N CYS A 415 -26.86 8.92 -1.48
CA CYS A 415 -26.15 9.39 -0.30
C CYS A 415 -26.61 10.82 -0.05
N PRO A 416 -27.79 10.97 0.59
CA PRO A 416 -28.39 12.28 0.89
C PRO A 416 -27.58 13.12 1.87
N LEU A 417 -27.72 14.45 1.74
CA LEU A 417 -27.08 15.42 2.62
C LEU A 417 -27.72 15.30 3.99
N HIS A 418 -27.00 15.73 5.02
CA HIS A 418 -27.49 15.70 6.40
C HIS A 418 -28.06 14.33 6.83
N THR A 419 -27.58 13.29 6.16
CA THR A 419 -28.00 11.90 6.43
C THR A 419 -26.78 11.06 6.78
N VAL A 420 -26.84 10.37 7.92
CA VAL A 420 -25.74 9.56 8.40
C VAL A 420 -25.94 8.08 8.12
N LEU A 421 -25.00 7.46 7.41
CA LEU A 421 -25.06 6.04 7.10
C LEU A 421 -24.13 5.28 8.04
N LYS A 422 -24.74 4.49 8.92
CA LYS A 422 -24.02 3.71 9.91
C LYS A 422 -23.86 2.27 9.39
N LEU A 423 -22.60 1.85 9.29
CA LEU A 423 -22.28 0.53 8.79
C LEU A 423 -21.69 -0.33 9.88
N THR A 424 -22.31 -1.49 10.10
CA THR A 424 -21.84 -2.43 11.11
C THR A 424 -21.48 -3.75 10.44
N PRO A 425 -20.19 -4.02 10.32
CA PRO A 425 -19.71 -5.26 9.70
C PRO A 425 -20.11 -6.49 10.53
N VAL A 426 -20.64 -7.49 9.82
CA VAL A 426 -21.05 -8.76 10.41
C VAL A 426 -20.48 -9.91 9.57
N ALA A 427 -20.86 -11.13 9.90
CA ALA A 427 -20.38 -12.29 9.16
C ALA A 427 -20.95 -12.30 7.74
N TYR A 428 -20.06 -12.26 6.75
CA TYR A 428 -20.40 -12.27 5.31
C TYR A 428 -21.06 -11.00 4.78
N GLY A 429 -21.58 -10.17 5.68
CA GLY A 429 -22.23 -8.96 5.24
C GLY A 429 -21.87 -7.75 6.06
N CYS A 430 -22.71 -6.74 5.95
CA CYS A 430 -22.53 -5.51 6.67
C CYS A 430 -23.94 -4.92 6.81
N LYS A 431 -24.36 -4.67 8.05
CA LYS A 431 -25.70 -4.10 8.28
C LYS A 431 -25.68 -2.58 8.06
N VAL A 432 -26.73 -2.03 7.47
CA VAL A 432 -26.74 -0.62 7.20
C VAL A 432 -27.93 0.12 7.79
N GLU A 433 -27.69 1.16 8.56
CA GLU A 433 -28.75 1.95 9.12
C GLU A 433 -28.63 3.39 8.66
N SER A 434 -29.71 3.89 8.05
CA SER A 434 -29.78 5.26 7.56
C SER A 434 -30.40 6.12 8.67
N ILE A 435 -29.67 7.17 9.09
CA ILE A 435 -30.12 8.05 10.17
C ILE A 435 -30.20 9.53 9.75
N PHE A 436 -31.39 9.98 9.35
CA PHE A 436 -31.57 11.38 8.98
C PHE A 436 -31.39 12.25 10.25
N LEU A 437 -30.49 13.24 10.21
CA LEU A 437 -30.25 14.10 11.39
C LEU A 437 -31.18 15.31 11.60
N ASN A 438 -32.40 15.17 11.07
CA ASN A 438 -33.47 16.18 11.20
C ASN A 438 -33.18 17.64 10.82
N VAL A 439 -32.67 17.83 9.60
CA VAL A 439 -32.37 19.17 9.04
C VAL A 439 -32.51 19.07 7.53
N ALA A 440 -33.48 19.77 6.99
CA ALA A 440 -33.75 19.78 5.57
C ALA A 440 -32.47 20.09 4.77
N ALA A 441 -32.54 19.80 3.47
CA ALA A 441 -31.43 20.03 2.55
C ALA A 441 -31.88 19.80 1.13
N VAL A 442 -31.08 20.31 0.18
CA VAL A 442 -31.33 20.22 -1.26
C VAL A 442 -30.99 18.83 -1.82
N ASN A 443 -31.60 18.48 -2.95
CA ASN A 443 -31.35 17.20 -3.60
C ASN A 443 -30.25 17.39 -4.65
N THR A 444 -29.11 16.72 -4.46
CA THR A 444 -27.99 16.78 -5.39
C THR A 444 -27.95 15.49 -6.22
N HIS A 445 -28.97 14.65 -5.98
CA HIS A 445 -29.09 13.36 -6.68
C HIS A 445 -29.78 13.42 -8.04
N ARG A 446 -29.00 13.00 -9.05
CA ARG A 446 -29.43 13.00 -10.43
C ARG A 446 -29.52 11.56 -10.98
N ASP A 447 -30.75 11.10 -11.19
CA ASP A 447 -30.99 9.75 -11.72
C ASP A 447 -30.49 9.68 -13.16
N ARG A 448 -30.08 8.51 -13.60
CA ARG A 448 -29.63 8.38 -15.00
C ARG A 448 -30.88 8.61 -15.86
N PRO A 449 -30.85 9.63 -16.74
CA PRO A 449 -32.02 9.88 -17.60
C PRO A 449 -32.25 8.72 -18.59
N GLN A 450 -33.51 8.43 -18.92
CA GLN A 450 -33.85 7.36 -19.84
C GLN A 450 -33.11 7.57 -21.17
N ASN A 451 -33.00 8.83 -21.61
CA ASN A 451 -32.29 9.10 -22.86
C ASN A 451 -30.85 9.48 -22.55
N VAL A 452 -29.92 8.64 -23.01
CA VAL A 452 -28.49 8.87 -22.82
C VAL A 452 -27.81 8.74 -24.18
N ASP A 453 -28.64 8.85 -25.22
CA ASP A 453 -28.16 8.78 -26.60
C ASP A 453 -27.33 10.01 -26.92
N ILE A 454 -26.21 9.79 -27.59
CA ILE A 454 -25.37 10.90 -28.00
C ILE A 454 -26.18 11.68 -29.07
N SER A 455 -26.25 13.01 -28.91
CA SER A 455 -27.00 13.95 -29.77
C SER A 455 -28.46 14.05 -29.30
N ARG A 456 -28.71 13.56 -28.09
CA ARG A 456 -30.05 13.60 -27.46
C ARG A 456 -30.44 15.05 -27.21
N PRO A 457 -31.75 15.35 -27.28
CA PRO A 457 -32.19 16.73 -27.03
C PRO A 457 -31.80 17.15 -25.60
N SER A 458 -31.44 18.41 -25.42
CA SER A 458 -31.04 18.93 -24.11
C SER A 458 -32.08 18.81 -23.01
N GLU A 459 -33.36 18.87 -23.37
CA GLU A 459 -34.42 18.76 -22.38
C GLU A 459 -34.51 17.34 -21.79
N GLU A 460 -34.18 16.34 -22.60
CA GLU A 460 -34.18 14.94 -22.15
C GLU A 460 -32.92 14.65 -21.33
N ALA A 461 -31.82 15.31 -21.70
CA ALA A 461 -30.53 15.18 -21.04
C ALA A 461 -30.58 15.73 -19.62
N LEU A 462 -31.40 16.76 -19.40
CA LEU A 462 -31.52 17.41 -18.09
C LEU A 462 -32.86 17.15 -17.37
N VAL A 463 -33.64 16.19 -17.86
CA VAL A 463 -34.94 15.88 -17.26
C VAL A 463 -34.88 15.34 -15.82
N THR A 464 -33.76 14.68 -15.48
CA THR A 464 -33.56 14.10 -14.14
C THR A 464 -32.70 15.00 -13.23
N VAL A 465 -32.59 16.26 -13.61
CA VAL A 465 -31.76 17.19 -12.88
C VAL A 465 -32.60 17.77 -11.78
N PRO A 466 -32.18 17.53 -10.54
CA PRO A 466 -32.90 18.04 -9.36
C PRO A 466 -33.02 19.57 -9.40
N ALA A 467 -34.15 20.08 -8.96
CA ALA A 467 -34.39 21.53 -8.90
C ALA A 467 -33.30 22.19 -8.02
N HIS A 468 -32.90 23.41 -8.38
CA HIS A 468 -31.84 24.10 -7.63
C HIS A 468 -31.92 25.63 -7.68
N GLN A 469 -31.20 26.25 -6.74
CA GLN A 469 -30.95 27.70 -6.59
C GLN A 469 -31.41 28.47 -5.36
N CYS B 38 1.99 10.07 19.17
CA CYS B 38 3.05 9.22 19.76
C CYS B 38 4.18 8.94 18.77
N PRO B 39 5.39 9.41 19.07
CA PRO B 39 6.48 9.14 18.13
C PRO B 39 6.71 7.63 18.26
N THR B 40 7.41 7.04 17.28
CA THR B 40 7.66 5.62 17.31
C THR B 40 9.13 5.34 17.51
N LEU B 41 9.40 4.32 18.32
CA LEU B 41 10.75 3.88 18.60
C LEU B 41 10.83 2.49 18.00
N ILE B 42 11.59 2.36 16.92
CA ILE B 42 11.79 1.09 16.27
C ILE B 42 13.07 0.54 16.94
N VAL B 43 13.00 -0.68 17.47
CA VAL B 43 14.15 -1.28 18.10
C VAL B 43 14.63 -2.46 17.30
N MET B 44 15.84 -2.37 16.77
CA MET B 44 16.43 -3.48 16.02
C MET B 44 16.84 -4.56 17.05
N VAL B 45 16.72 -5.82 16.64
CA VAL B 45 17.08 -6.97 17.46
C VAL B 45 17.76 -7.97 16.55
N GLY B 46 18.90 -8.50 17.00
CA GLY B 46 19.60 -9.48 16.20
C GLY B 46 21.10 -9.54 16.42
N LEU B 47 21.70 -10.68 16.09
CA LEU B 47 23.13 -10.90 16.23
C LEU B 47 23.86 -10.03 15.20
N PRO B 48 25.16 -9.75 15.42
CA PRO B 48 25.99 -8.95 14.53
C PRO B 48 26.04 -9.65 13.17
N ALA B 49 26.09 -8.86 12.10
CA ALA B 49 26.12 -9.39 10.73
C ALA B 49 24.82 -10.01 10.26
N ARG B 50 23.71 -9.58 10.83
CA ARG B 50 22.41 -10.11 10.46
C ARG B 50 21.64 -9.11 9.63
N GLY B 51 22.24 -7.98 9.31
CA GLY B 51 21.58 -6.97 8.49
C GLY B 51 20.71 -5.98 9.26
N LYS B 52 20.95 -5.86 10.55
CA LYS B 52 20.17 -4.93 11.35
C LYS B 52 20.41 -3.52 10.85
N THR B 53 21.67 -3.18 10.58
CA THR B 53 21.99 -1.84 10.14
C THR B 53 21.47 -1.55 8.74
N TYR B 54 21.63 -2.54 7.86
CA TYR B 54 21.17 -2.46 6.48
C TYR B 54 19.69 -2.14 6.49
N ILE B 55 18.95 -2.90 7.28
CA ILE B 55 17.53 -2.67 7.42
C ILE B 55 17.24 -1.30 8.04
N SER B 56 18.00 -0.93 9.06
CA SER B 56 17.86 0.34 9.73
C SER B 56 18.04 1.51 8.76
N LYS B 57 19.02 1.40 7.88
CA LYS B 57 19.24 2.45 6.90
C LYS B 57 18.15 2.53 5.84
N LYS B 58 17.74 1.38 5.31
CA LYS B 58 16.70 1.34 4.30
C LYS B 58 15.41 1.91 4.82
N LEU B 59 15.03 1.48 6.03
CA LEU B 59 13.82 1.94 6.71
C LEU B 59 13.86 3.40 6.99
N THR B 60 15.01 3.89 7.44
CA THR B 60 15.18 5.31 7.77
C THR B 60 15.08 6.20 6.51
N ARG B 61 15.74 5.75 5.43
CA ARG B 61 15.74 6.46 4.16
C ARG B 61 14.33 6.50 3.59
N TYR B 62 13.67 5.35 3.55
CA TYR B 62 12.32 5.28 3.07
C TYR B 62 11.39 6.19 3.83
N LEU B 63 11.40 6.11 5.16
CA LEU B 63 10.52 6.95 5.98
C LEU B 63 10.72 8.42 5.71
N ASN B 64 11.97 8.85 5.61
CA ASN B 64 12.26 10.24 5.34
C ASN B 64 11.74 10.66 3.96
N PHE B 65 11.95 9.79 2.96
CA PHE B 65 11.49 10.03 1.59
C PHE B 65 9.98 10.33 1.56
N ILE B 66 9.17 9.57 2.29
CA ILE B 66 7.73 9.81 2.30
C ILE B 66 7.33 10.92 3.30
N GLY B 67 8.36 11.63 3.77
CA GLY B 67 8.13 12.76 4.66
C GLY B 67 7.87 12.57 6.15
N VAL B 68 8.37 11.47 6.73
CA VAL B 68 8.24 11.19 8.16
C VAL B 68 9.65 11.38 8.73
N PRO B 69 9.88 12.49 9.46
CA PRO B 69 11.19 12.80 10.07
C PRO B 69 11.73 11.63 10.90
N THR B 70 12.69 10.91 10.33
CA THR B 70 13.25 9.75 10.99
C THR B 70 14.76 9.82 11.10
N ARG B 71 15.28 9.28 12.20
CA ARG B 71 16.71 9.23 12.44
C ARG B 71 17.11 7.89 13.10
N GLU B 72 18.21 7.31 12.60
CA GLU B 72 18.75 6.06 13.12
C GLU B 72 19.88 6.37 14.09
N PHE B 73 19.98 5.55 15.13
CA PHE B 73 21.01 5.68 16.15
C PHE B 73 21.79 4.37 16.25
N ASN B 74 22.98 4.37 15.70
CA ASN B 74 23.83 3.19 15.70
C ASN B 74 24.74 3.17 16.94
N VAL B 75 24.43 2.23 17.87
CA VAL B 75 25.17 2.07 19.13
C VAL B 75 26.64 1.70 18.95
N GLY B 76 26.95 1.06 17.83
CA GLY B 76 28.31 0.68 17.56
C GLY B 76 29.09 1.93 17.20
N GLN B 77 28.44 2.88 16.53
CA GLN B 77 29.13 4.10 16.15
C GLN B 77 29.38 4.91 17.40
N TYR B 78 28.44 4.88 18.32
CA TYR B 78 28.61 5.59 19.58
C TYR B 78 29.84 5.02 20.27
N ARG B 79 29.94 3.71 20.24
CA ARG B 79 31.06 3.02 20.85
C ARG B 79 32.38 3.35 20.16
N ARG B 80 32.41 3.38 18.83
CA ARG B 80 33.65 3.74 18.10
C ARG B 80 34.05 5.18 18.39
N ASP B 81 33.09 6.11 18.24
CA ASP B 81 33.31 7.53 18.45
C ASP B 81 33.69 7.90 19.87
N MET B 82 33.50 6.97 20.78
CA MET B 82 33.85 7.20 22.17
C MET B 82 35.18 6.62 22.62
N VAL B 83 35.39 5.32 22.45
CA VAL B 83 36.66 4.69 22.88
C VAL B 83 37.84 5.09 21.99
N LYS B 84 37.56 5.30 20.70
CA LYS B 84 38.56 5.71 19.74
C LYS B 84 39.70 4.70 19.54
N THR B 85 39.84 3.75 20.44
CA THR B 85 40.90 2.77 20.29
C THR B 85 40.38 1.37 19.95
N TYR B 86 41.09 0.64 19.09
CA TYR B 86 40.69 -0.72 18.69
C TYR B 86 40.42 -1.67 19.88
N LYS B 87 39.34 -2.45 19.74
CA LYS B 87 38.88 -3.41 20.75
C LYS B 87 38.69 -4.81 20.17
N SER B 88 39.21 -5.83 20.85
CA SER B 88 39.05 -7.21 20.37
C SER B 88 37.72 -7.75 20.92
N PHE B 89 37.39 -9.00 20.62
CA PHE B 89 36.11 -9.59 21.07
C PHE B 89 35.93 -9.69 22.58
N GLU B 90 37.05 -9.63 23.30
CA GLU B 90 37.07 -9.74 24.77
C GLU B 90 36.21 -8.68 25.43
N PHE B 91 36.19 -7.51 24.81
CA PHE B 91 35.45 -6.35 25.26
C PHE B 91 33.95 -6.60 25.19
N PHE B 92 33.54 -7.57 24.38
CA PHE B 92 32.13 -7.94 24.20
C PHE B 92 31.71 -9.14 25.03
N LEU B 93 32.65 -9.68 25.80
CA LEU B 93 32.39 -10.85 26.65
C LEU B 93 31.43 -10.46 27.74
N PRO B 94 30.44 -11.32 28.04
CA PRO B 94 29.46 -11.02 29.08
C PRO B 94 29.98 -10.94 30.53
N ASP B 95 31.30 -11.09 30.70
CA ASP B 95 31.93 -11.04 32.00
C ASP B 95 32.92 -9.89 32.15
N ASN B 96 33.19 -9.19 31.04
CA ASN B 96 34.13 -8.06 31.07
C ASN B 96 33.51 -6.84 31.74
N GLU B 97 34.25 -6.24 32.67
CA GLU B 97 33.77 -5.08 33.40
C GLU B 97 33.83 -3.80 32.58
N GLU B 98 35.04 -3.34 32.24
CA GLU B 98 35.14 -2.10 31.47
C GLU B 98 34.35 -2.21 30.19
N GLY B 99 34.18 -3.43 29.70
CA GLY B 99 33.41 -3.65 28.47
C GLY B 99 31.90 -3.48 28.63
N LEU B 100 31.31 -4.22 29.57
CA LEU B 100 29.86 -4.14 29.83
C LEU B 100 29.51 -2.73 30.26
N LYS B 101 30.44 -2.07 30.93
CA LYS B 101 30.23 -0.70 31.38
C LYS B 101 30.09 0.24 30.21
N ILE B 102 31.10 0.26 29.34
CA ILE B 102 31.12 1.14 28.17
C ILE B 102 29.95 0.85 27.23
N ARG B 103 29.68 -0.43 26.97
CA ARG B 103 28.59 -0.76 26.08
C ARG B 103 27.23 -0.29 26.62
N LYS B 104 27.04 -0.33 27.93
CA LYS B 104 25.75 0.10 28.51
C LYS B 104 25.63 1.62 28.54
N GLN B 105 26.77 2.27 28.72
CA GLN B 105 26.84 3.73 28.73
C GLN B 105 26.52 4.25 27.32
N CYS B 106 27.08 3.59 26.30
CA CYS B 106 26.85 3.96 24.89
C CYS B 106 25.40 3.75 24.50
N ALA B 107 24.78 2.69 25.01
CA ALA B 107 23.36 2.43 24.77
C ALA B 107 22.52 3.54 25.41
N LEU B 108 22.91 3.97 26.58
CA LEU B 108 22.22 5.05 27.26
C LEU B 108 22.41 6.42 26.55
N ALA B 109 23.62 6.66 26.04
CA ALA B 109 23.95 7.88 25.34
C ALA B 109 23.08 8.01 24.10
N ALA B 110 22.97 6.89 23.35
CA ALA B 110 22.16 6.86 22.14
C ALA B 110 20.69 7.03 22.47
N LEU B 111 20.24 6.36 23.53
CA LEU B 111 18.85 6.46 23.96
C LEU B 111 18.51 7.87 24.41
N ASN B 112 19.51 8.59 24.93
CA ASN B 112 19.27 9.97 25.34
C ASN B 112 19.04 10.86 24.11
N ASP B 113 19.75 10.55 23.03
CA ASP B 113 19.60 11.28 21.78
C ASP B 113 18.29 10.89 21.11
N VAL B 114 17.84 9.64 21.28
CA VAL B 114 16.55 9.21 20.73
C VAL B 114 15.50 10.12 21.37
N ARG B 115 15.60 10.27 22.70
CA ARG B 115 14.71 11.11 23.49
C ARG B 115 14.70 12.56 23.01
N LYS B 116 15.87 13.12 22.76
CA LYS B 116 15.99 14.48 22.27
C LYS B 116 15.32 14.59 20.90
N PHE B 117 15.71 13.77 19.94
CA PHE B 117 15.13 13.80 18.61
C PHE B 117 13.59 13.71 18.61
N LEU B 118 13.03 12.69 19.26
CA LEU B 118 11.58 12.52 19.27
C LEU B 118 10.84 13.54 20.12
N SER B 119 11.36 13.79 21.32
CA SER B 119 10.71 14.71 22.27
C SER B 119 11.09 16.18 22.18
N GLU B 120 12.27 16.50 21.69
CA GLU B 120 12.67 17.90 21.57
C GLU B 120 12.84 18.50 20.18
N GLU B 121 13.22 17.68 19.19
CA GLU B 121 13.41 18.16 17.83
C GLU B 121 12.27 17.90 16.86
N GLY B 122 11.18 17.33 17.38
CA GLY B 122 10.04 17.05 16.54
C GLY B 122 10.20 15.87 15.61
N GLY B 123 11.06 14.90 15.94
CA GLY B 123 11.24 13.72 15.11
C GLY B 123 10.01 12.85 15.24
N HIS B 124 9.72 12.06 14.23
CA HIS B 124 8.57 11.18 14.29
C HIS B 124 8.92 9.74 14.60
N VAL B 125 10.06 9.26 14.07
CA VAL B 125 10.49 7.88 14.26
C VAL B 125 11.99 7.81 14.52
N ALA B 126 12.39 7.01 15.51
CA ALA B 126 13.78 6.83 15.82
C ALA B 126 14.02 5.35 15.67
N VAL B 127 15.11 4.99 14.98
CA VAL B 127 15.48 3.61 14.82
C VAL B 127 16.72 3.44 15.69
N PHE B 128 16.59 2.54 16.67
CA PHE B 128 17.65 2.25 17.62
C PHE B 128 18.31 0.96 17.17
N ASP B 129 19.47 1.11 16.54
CA ASP B 129 20.24 0.00 16.00
C ASP B 129 21.27 -0.57 16.99
N ALA B 130 20.92 -1.71 17.58
CA ALA B 130 21.76 -2.42 18.54
C ALA B 130 21.32 -3.89 18.51
N THR B 131 22.15 -4.79 19.02
CA THR B 131 21.80 -6.21 19.03
C THR B 131 20.51 -6.43 19.80
N ASN B 132 20.42 -5.87 21.02
CA ASN B 132 19.24 -5.98 21.87
C ASN B 132 18.72 -7.40 21.84
N THR B 133 19.63 -8.34 22.03
CA THR B 133 19.30 -9.76 21.98
C THR B 133 18.72 -10.41 23.22
N THR B 134 18.64 -9.69 24.33
CA THR B 134 18.06 -10.26 25.54
C THR B 134 16.74 -9.62 25.92
N ARG B 135 15.94 -10.36 26.66
CA ARG B 135 14.63 -9.89 27.10
C ARG B 135 14.72 -8.75 28.07
N GLU B 136 15.77 -8.71 28.87
CA GLU B 136 15.99 -7.66 29.87
C GLU B 136 16.33 -6.34 29.18
N ARG B 137 17.27 -6.39 28.23
CA ARG B 137 17.64 -5.21 27.48
C ARG B 137 16.41 -4.69 26.73
N ARG B 138 15.68 -5.58 26.06
CA ARG B 138 14.49 -5.16 25.34
C ARG B 138 13.40 -4.64 26.28
N ALA B 139 13.35 -5.18 27.49
CA ALA B 139 12.36 -4.74 28.48
C ALA B 139 12.74 -3.34 28.94
N MET B 140 14.05 -3.12 29.12
CA MET B 140 14.61 -1.83 29.53
C MET B 140 14.25 -0.74 28.52
N ILE B 141 14.57 -1.01 27.25
CA ILE B 141 14.30 -0.10 26.13
C ILE B 141 12.82 0.14 25.99
N PHE B 142 12.01 -0.91 26.12
CA PHE B 142 10.56 -0.80 26.03
C PHE B 142 10.01 0.17 27.07
N ASN B 143 10.48 0.05 28.33
CA ASN B 143 10.06 0.90 29.44
C ASN B 143 10.46 2.34 29.19
N PHE B 144 11.65 2.52 28.62
CA PHE B 144 12.14 3.84 28.23
C PHE B 144 11.12 4.47 27.29
N GLY B 145 10.76 3.72 26.26
CA GLY B 145 9.78 4.25 25.33
C GLY B 145 8.47 4.53 26.02
N GLU B 146 8.07 3.62 26.92
CA GLU B 146 6.81 3.75 27.65
C GLU B 146 6.78 5.04 28.46
N GLN B 147 7.87 5.31 29.17
CA GLN B 147 7.99 6.47 30.05
C GLN B 147 8.03 7.80 29.31
N ASN B 148 8.66 7.79 28.14
CA ASN B 148 8.74 8.97 27.29
C ASN B 148 7.53 9.20 26.38
N GLY B 149 6.55 8.31 26.44
CA GLY B 149 5.33 8.46 25.64
C GLY B 149 5.38 8.00 24.18
N TYR B 150 6.31 7.11 23.86
CA TYR B 150 6.50 6.56 22.52
C TYR B 150 5.80 5.20 22.40
N LYS B 151 5.65 4.74 21.16
CA LYS B 151 5.12 3.42 20.89
C LYS B 151 6.37 2.64 20.44
N THR B 152 6.64 1.49 21.06
CA THR B 152 7.81 0.72 20.70
C THR B 152 7.37 -0.41 19.78
N PHE B 153 8.17 -0.65 18.74
CA PHE B 153 7.96 -1.71 17.76
C PHE B 153 9.32 -2.35 17.51
N PHE B 154 9.40 -3.67 17.57
CA PHE B 154 10.67 -4.37 17.37
C PHE B 154 10.85 -4.92 15.98
N VAL B 155 12.09 -4.95 15.48
CA VAL B 155 12.37 -5.55 14.17
C VAL B 155 13.55 -6.45 14.37
N GLU B 156 13.29 -7.75 14.38
CA GLU B 156 14.37 -8.72 14.55
C GLU B 156 14.81 -9.28 13.20
N SER B 157 16.11 -9.40 13.01
CA SER B 157 16.62 -9.95 11.78
C SER B 157 17.40 -11.21 12.12
N ILE B 158 16.91 -12.34 11.60
CA ILE B 158 17.52 -13.62 11.82
C ILE B 158 17.98 -14.17 10.47
N CYS B 159 19.25 -14.03 10.16
CA CYS B 159 19.75 -14.61 8.92
C CYS B 159 20.34 -15.97 9.24
N VAL B 160 20.16 -16.93 8.32
CA VAL B 160 20.70 -18.29 8.54
C VAL B 160 21.40 -18.87 7.30
N ASP B 161 21.01 -18.37 6.14
CA ASP B 161 21.56 -18.79 4.86
C ASP B 161 23.03 -18.37 4.75
N PRO B 162 23.93 -19.34 4.55
CA PRO B 162 25.39 -19.20 4.39
C PRO B 162 25.80 -18.00 3.53
N GLU B 163 25.11 -17.81 2.41
CA GLU B 163 25.38 -16.72 1.46
C GLU B 163 24.87 -15.36 1.94
N VAL B 164 24.62 -15.26 3.25
CA VAL B 164 24.15 -14.03 3.85
C VAL B 164 25.04 -13.75 5.05
N ILE B 165 25.17 -14.73 5.94
CA ILE B 165 26.01 -14.58 7.13
C ILE B 165 27.47 -14.32 6.70
N ALA B 166 28.08 -15.34 6.10
CA ALA B 166 29.47 -15.24 5.62
C ALA B 166 29.55 -14.11 4.58
N ALA B 167 28.39 -13.76 4.00
CA ALA B 167 28.31 -12.71 3.00
C ALA B 167 28.38 -11.33 3.61
N ASN B 168 27.74 -11.12 4.75
CA ASN B 168 27.77 -9.83 5.43
C ASN B 168 29.13 -9.65 6.09
N ILE B 169 29.74 -10.74 6.57
CA ILE B 169 31.07 -10.67 7.21
C ILE B 169 32.08 -10.09 6.26
N VAL B 170 32.12 -10.57 5.02
CA VAL B 170 33.06 -10.04 4.03
C VAL B 170 32.66 -8.60 3.62
N GLN B 171 31.75 -7.99 4.36
CA GLN B 171 31.37 -6.61 4.11
C GLN B 171 31.62 -5.86 5.40
N VAL B 172 31.56 -6.59 6.50
CA VAL B 172 31.82 -6.07 7.84
C VAL B 172 33.36 -5.95 7.84
N LYS B 173 33.99 -7.04 7.42
CA LYS B 173 35.45 -7.15 7.33
C LYS B 173 35.99 -6.17 6.29
N LEU B 174 35.13 -5.76 5.37
CA LEU B 174 35.53 -4.81 4.34
C LEU B 174 35.36 -3.36 4.78
N GLY B 175 34.12 -2.92 4.91
CA GLY B 175 33.84 -1.54 5.25
C GLY B 175 33.71 -1.14 6.70
N SER B 176 34.01 -2.04 7.64
CA SER B 176 33.88 -1.68 9.06
C SER B 176 35.15 -1.09 9.63
N PRO B 177 35.01 0.09 10.26
CA PRO B 177 36.11 0.83 10.89
C PRO B 177 36.84 -0.05 11.88
N ASP B 178 36.10 -1.00 12.41
CA ASP B 178 36.57 -1.95 13.39
C ASP B 178 37.66 -2.87 12.90
N TYR B 179 37.64 -3.18 11.61
CA TYR B 179 38.62 -4.10 11.06
C TYR B 179 39.54 -3.49 10.04
N VAL B 180 39.77 -2.19 10.18
CA VAL B 180 40.66 -1.47 9.31
C VAL B 180 42.05 -1.88 9.76
N ASN B 181 42.92 -2.15 8.79
CA ASN B 181 44.31 -2.56 9.04
C ASN B 181 44.45 -3.81 9.93
N ARG B 182 43.48 -4.72 9.82
CA ARG B 182 43.52 -5.96 10.57
C ARG B 182 43.73 -7.15 9.62
N ASP B 183 44.65 -8.05 9.98
CA ASP B 183 44.90 -9.25 9.20
C ASP B 183 43.57 -9.96 9.00
N SER B 184 43.30 -10.33 7.75
CA SER B 184 42.06 -10.99 7.37
C SER B 184 41.62 -12.16 8.25
N ASP B 185 42.52 -13.12 8.43
CA ASP B 185 42.20 -14.30 9.22
C ASP B 185 41.98 -14.05 10.69
N GLU B 186 42.60 -13.00 11.21
CA GLU B 186 42.47 -12.65 12.61
C GLU B 186 41.18 -11.84 12.82
N ALA B 187 40.88 -10.94 11.88
CA ALA B 187 39.66 -10.14 11.95
C ALA B 187 38.45 -11.06 11.89
N THR B 188 38.46 -11.94 10.89
CA THR B 188 37.36 -12.89 10.66
C THR B 188 37.10 -13.75 11.89
N GLU B 189 38.19 -14.13 12.54
CA GLU B 189 38.14 -14.98 13.73
C GLU B 189 37.57 -14.20 14.90
N ASP B 190 38.07 -12.98 15.06
CA ASP B 190 37.66 -12.10 16.13
C ASP B 190 36.17 -11.85 16.02
N PHE B 191 35.73 -11.44 14.84
CA PHE B 191 34.32 -11.19 14.68
C PHE B 191 33.46 -12.42 15.05
N MET B 192 33.88 -13.61 14.61
CA MET B 192 33.15 -14.84 14.95
C MET B 192 33.03 -15.01 16.46
N ARG B 193 34.07 -14.63 17.22
CA ARG B 193 34.01 -14.77 18.67
C ARG B 193 33.14 -13.68 19.27
N ARG B 194 32.94 -12.62 18.50
CA ARG B 194 32.16 -11.51 18.98
C ARG B 194 30.70 -11.88 18.86
N ILE B 195 30.36 -12.57 17.76
CA ILE B 195 28.98 -13.03 17.56
C ILE B 195 28.68 -14.08 18.64
N GLU B 196 29.70 -14.88 18.97
CA GLU B 196 29.55 -15.90 20.00
C GLU B 196 29.22 -15.26 21.35
N CYS B 197 29.83 -14.12 21.64
CA CYS B 197 29.56 -13.43 22.89
C CYS B 197 28.08 -13.12 23.06
N TYR B 198 27.36 -13.07 21.93
CA TYR B 198 25.92 -12.80 21.88
C TYR B 198 25.01 -14.05 21.79
N GLU B 199 25.42 -15.03 20.99
CA GLU B 199 24.63 -16.24 20.84
C GLU B 199 24.28 -16.89 22.15
N ASN B 200 25.27 -16.96 23.04
CA ASN B 200 25.15 -17.58 24.36
C ASN B 200 23.97 -17.16 25.26
N SER B 201 23.56 -15.89 25.16
CA SER B 201 22.47 -15.33 25.97
C SER B 201 21.30 -14.85 25.10
N TYR B 202 21.43 -15.06 23.78
CA TYR B 202 20.43 -14.65 22.77
C TYR B 202 19.03 -15.25 22.92
N GLU B 203 18.08 -14.37 23.22
CA GLU B 203 16.68 -14.74 23.38
C GLU B 203 15.86 -14.05 22.30
N SER B 204 15.59 -14.81 21.25
CA SER B 204 14.81 -14.31 20.16
C SER B 204 13.40 -13.99 20.62
N LEU B 205 12.68 -13.18 19.85
CA LEU B 205 11.30 -12.83 20.17
C LEU B 205 10.38 -14.08 20.13
N ASP B 206 9.71 -14.33 21.23
CA ASP B 206 8.86 -15.50 21.43
C ASP B 206 7.39 -15.23 21.19
N GLU B 207 6.73 -16.19 20.54
CA GLU B 207 5.31 -16.10 20.25
C GLU B 207 4.44 -15.97 21.50
N GLU B 208 4.83 -16.65 22.56
CA GLU B 208 4.10 -16.60 23.80
C GLU B 208 4.68 -15.63 24.81
N GLN B 209 5.97 -15.75 25.09
CA GLN B 209 6.58 -14.87 26.06
C GLN B 209 6.53 -13.40 25.64
N ASP B 210 6.49 -13.14 24.33
CA ASP B 210 6.42 -11.77 23.83
C ASP B 210 5.14 -11.40 23.12
N ARG B 211 4.06 -12.09 23.47
CA ARG B 211 2.76 -11.86 22.87
C ARG B 211 2.32 -10.42 22.87
N ASP B 212 2.63 -9.73 23.95
CA ASP B 212 2.20 -8.35 24.10
C ASP B 212 3.02 -7.29 23.40
N LEU B 213 4.12 -7.70 22.79
CA LEU B 213 4.98 -6.78 22.04
C LEU B 213 4.61 -6.74 20.55
N SER B 214 4.80 -5.57 19.95
CA SER B 214 4.53 -5.38 18.54
C SER B 214 5.89 -5.56 17.89
N TYR B 215 5.97 -6.44 16.92
CA TYR B 215 7.25 -6.67 16.31
C TYR B 215 7.12 -7.39 14.99
N ILE B 216 8.27 -7.57 14.36
CA ILE B 216 8.37 -8.31 13.12
C ILE B 216 9.72 -9.04 13.11
N LYS B 217 9.67 -10.33 12.78
CA LYS B 217 10.88 -11.14 12.69
C LYS B 217 11.01 -11.39 11.22
N ILE B 218 12.19 -11.06 10.70
CA ILE B 218 12.51 -11.21 9.30
C ILE B 218 13.55 -12.31 9.18
N MET B 219 13.19 -13.38 8.50
CA MET B 219 14.13 -14.48 8.36
C MET B 219 14.72 -14.48 6.97
N ASP B 220 15.92 -15.02 6.91
CA ASP B 220 16.66 -15.14 5.66
C ASP B 220 16.53 -13.99 4.70
N VAL B 221 16.72 -12.80 5.23
CA VAL B 221 16.65 -11.58 4.44
C VAL B 221 15.35 -11.39 3.67
N GLY B 222 14.27 -11.91 4.20
CA GLY B 222 13.01 -11.69 3.51
C GLY B 222 12.30 -12.89 2.93
N GLN B 223 12.66 -14.11 3.32
CA GLN B 223 11.91 -15.21 2.75
C GLN B 223 10.62 -15.33 3.54
N SER B 224 10.75 -15.37 4.87
CA SER B 224 9.59 -15.48 5.73
C SER B 224 9.59 -14.38 6.79
N TYR B 225 8.43 -14.20 7.42
CA TYR B 225 8.25 -13.19 8.42
C TYR B 225 7.25 -13.66 9.47
N VAL B 226 7.35 -13.07 10.65
CA VAL B 226 6.42 -13.34 11.73
C VAL B 226 6.10 -11.94 12.19
N VAL B 227 4.82 -11.60 12.20
CA VAL B 227 4.39 -10.28 12.62
C VAL B 227 3.43 -10.40 13.77
N ASN B 228 3.59 -9.53 14.77
CA ASN B 228 2.73 -9.55 15.95
C ASN B 228 2.30 -8.18 16.42
N ARG B 229 1.01 -8.04 16.62
CA ARG B 229 0.40 -6.83 17.15
C ARG B 229 0.75 -5.47 16.60
N VAL B 230 0.58 -5.29 15.30
CA VAL B 230 0.84 -4.00 14.66
C VAL B 230 -0.17 -3.06 15.32
N ALA B 231 0.35 -2.11 16.11
CA ALA B 231 -0.51 -1.19 16.87
C ALA B 231 -1.21 -0.02 16.18
N ASP B 232 -0.65 0.42 15.06
CA ASP B 232 -1.22 1.56 14.39
C ASP B 232 -0.90 1.67 12.91
N HIS B 233 -1.27 2.81 12.33
CA HIS B 233 -1.05 3.05 10.91
C HIS B 233 0.41 3.07 10.48
N ILE B 234 1.25 3.82 11.20
CA ILE B 234 2.64 3.90 10.82
C ILE B 234 3.32 2.53 10.90
N GLN B 235 2.95 1.71 11.88
CA GLN B 235 3.55 0.39 12.05
C GLN B 235 3.13 -0.54 10.93
N SER B 236 1.90 -0.33 10.47
CA SER B 236 1.36 -1.14 9.39
C SER B 236 2.09 -0.84 8.09
N ARG B 237 2.46 0.43 7.91
CA ARG B 237 3.21 0.87 6.75
C ARG B 237 4.64 0.41 6.83
N ILE B 238 5.24 0.46 8.01
CA ILE B 238 6.61 -0.01 8.21
C ILE B 238 6.70 -1.51 7.89
N VAL B 239 5.71 -2.27 8.35
CA VAL B 239 5.66 -3.70 8.13
C VAL B 239 5.56 -3.95 6.64
N TYR B 240 4.62 -3.25 6.00
CA TYR B 240 4.38 -3.37 4.57
C TYR B 240 5.67 -3.16 3.81
N TYR B 241 6.40 -2.12 4.16
CA TYR B 241 7.66 -1.83 3.53
C TYR B 241 8.68 -2.92 3.77
N LEU B 242 8.87 -3.27 5.04
CA LEU B 242 9.87 -4.27 5.41
C LEU B 242 9.64 -5.63 4.78
N MET B 243 8.38 -6.01 4.59
CA MET B 243 8.08 -7.28 3.96
C MET B 243 8.26 -7.23 2.44
N ASN B 244 8.57 -6.06 1.91
CA ASN B 244 8.75 -5.96 0.47
C ASN B 244 10.15 -5.66 -0.08
N ILE B 245 11.13 -5.52 0.80
CA ILE B 245 12.50 -5.29 0.37
C ILE B 245 13.25 -6.64 0.32
N HIS B 246 14.37 -6.70 -0.40
CA HIS B 246 15.17 -7.92 -0.50
C HIS B 246 16.60 -7.58 -0.87
N VAL B 247 17.47 -8.59 -0.93
CA VAL B 247 18.86 -8.35 -1.31
C VAL B 247 19.27 -9.24 -2.49
N THR B 248 18.29 -9.64 -3.31
CA THR B 248 18.52 -10.46 -4.50
C THR B 248 19.23 -9.55 -5.50
N PRO B 249 20.40 -9.98 -6.04
CA PRO B 249 21.14 -9.16 -7.02
C PRO B 249 20.26 -8.89 -8.23
N ARG B 250 20.23 -7.62 -8.61
CA ARG B 250 19.44 -7.19 -9.75
C ARG B 250 19.79 -5.75 -10.04
N SER B 251 19.21 -5.22 -11.11
CA SER B 251 19.46 -3.86 -11.48
C SER B 251 18.17 -3.13 -11.85
N ILE B 252 18.17 -1.82 -11.61
CA ILE B 252 17.03 -0.97 -11.90
C ILE B 252 17.52 -0.01 -12.97
N TYR B 253 16.89 -0.04 -14.14
CA TYR B 253 17.25 0.85 -15.23
C TYR B 253 16.21 1.93 -15.33
N LEU B 254 16.64 3.17 -15.38
CA LEU B 254 15.72 4.30 -15.49
C LEU B 254 16.16 5.13 -16.67
N CYS B 255 15.19 5.57 -17.45
CA CYS B 255 15.43 6.42 -18.60
C CYS B 255 14.11 7.12 -18.91
N ARG B 256 14.19 8.27 -19.56
CA ARG B 256 13.01 9.04 -19.94
C ARG B 256 12.58 8.50 -21.27
N ALA B 257 11.42 8.93 -21.72
CA ALA B 257 10.95 8.56 -23.04
C ALA B 257 11.92 9.26 -24.00
N GLY B 258 11.87 8.92 -25.28
CA GLY B 258 12.77 9.57 -26.22
C GLY B 258 12.32 11.02 -26.43
N GLU B 259 13.20 11.82 -27.02
CA GLU B 259 12.90 13.21 -27.33
C GLU B 259 11.54 13.26 -28.02
N SER B 260 10.70 14.20 -27.61
CA SER B 260 9.36 14.32 -28.20
C SER B 260 9.23 15.63 -28.98
N GLU B 261 8.07 15.82 -29.61
CA GLU B 261 7.78 17.02 -30.41
C GLU B 261 7.91 18.29 -29.56
N LEU B 262 7.45 18.22 -28.31
CA LEU B 262 7.47 19.36 -27.40
C LEU B 262 8.82 19.53 -26.74
N ASN B 263 9.66 18.52 -26.83
CA ASN B 263 11.01 18.66 -26.28
C ASN B 263 11.79 19.58 -27.20
N LEU B 264 11.51 19.47 -28.50
CA LEU B 264 12.11 20.28 -29.56
C LEU B 264 11.70 21.75 -29.36
N LYS B 265 10.42 21.99 -29.07
CA LYS B 265 9.88 23.33 -28.86
C LYS B 265 10.13 23.96 -27.48
N GLY B 266 10.80 23.22 -26.60
CA GLY B 266 11.03 23.74 -25.27
C GLY B 266 9.72 23.83 -24.49
N ARG B 267 8.77 22.95 -24.79
CA ARG B 267 7.51 22.95 -24.07
C ARG B 267 7.38 21.83 -23.01
N ILE B 268 6.84 22.20 -21.85
CA ILE B 268 6.66 21.27 -20.73
C ILE B 268 5.27 20.62 -20.66
N GLY B 269 5.24 19.38 -20.19
CA GLY B 269 3.97 18.68 -20.07
C GLY B 269 3.34 18.20 -21.37
N GLY B 270 2.01 18.12 -21.39
CA GLY B 270 1.33 17.68 -22.58
C GLY B 270 1.47 16.18 -22.86
N ASP B 271 1.09 15.77 -24.07
CA ASP B 271 1.18 14.35 -24.45
C ASP B 271 1.71 14.17 -25.87
N PRO B 272 2.88 14.78 -26.19
CA PRO B 272 3.45 14.65 -27.53
C PRO B 272 3.92 13.24 -27.86
N GLY B 273 4.11 12.97 -29.16
CA GLY B 273 4.62 11.69 -29.59
C GLY B 273 6.13 11.87 -29.72
N LEU B 274 6.86 10.85 -30.13
CA LEU B 274 8.30 10.97 -30.27
C LEU B 274 8.72 11.81 -31.47
N SER B 275 9.91 12.40 -31.40
CA SER B 275 10.47 13.19 -32.50
C SER B 275 11.24 12.15 -33.33
N PRO B 276 11.67 12.50 -34.55
CA PRO B 276 12.42 11.51 -35.35
C PRO B 276 13.60 10.91 -34.56
N ARG B 277 14.40 11.80 -33.96
CA ARG B 277 15.57 11.40 -33.16
C ARG B 277 15.12 10.57 -31.94
N GLY B 278 13.87 10.79 -31.54
CA GLY B 278 13.29 10.06 -30.41
C GLY B 278 13.09 8.60 -30.79
N ARG B 279 12.41 8.37 -31.93
CA ARG B 279 12.17 7.04 -32.44
C ARG B 279 13.50 6.33 -32.63
N GLU B 280 14.53 7.09 -33.00
CA GLU B 280 15.88 6.57 -33.23
C GLU B 280 16.41 6.02 -31.90
N PHE B 281 16.14 6.76 -30.82
CA PHE B 281 16.55 6.32 -29.49
C PHE B 281 15.88 5.01 -29.12
N SER B 282 14.57 4.90 -29.40
CA SER B 282 13.80 3.69 -29.11
C SER B 282 14.54 2.48 -29.65
N LYS B 283 15.03 2.63 -30.87
CA LYS B 283 15.78 1.57 -31.54
C LYS B 283 17.12 1.28 -30.85
N HIS B 284 17.67 2.29 -30.19
CA HIS B 284 18.95 2.15 -29.52
C HIS B 284 18.82 1.51 -28.15
N LEU B 285 17.72 1.81 -27.48
CA LEU B 285 17.40 1.29 -26.16
C LEU B 285 17.18 -0.22 -26.30
N ALA B 286 16.41 -0.58 -27.32
CA ALA B 286 16.10 -1.96 -27.62
C ALA B 286 17.37 -2.78 -27.79
N GLN B 287 18.34 -2.23 -28.51
CA GLN B 287 19.62 -2.91 -28.71
C GLN B 287 20.36 -3.05 -27.39
N PHE B 288 20.47 -1.94 -26.65
CA PHE B 288 21.13 -1.91 -25.34
C PHE B 288 20.58 -2.99 -24.42
N ILE B 289 19.25 -3.03 -24.35
CA ILE B 289 18.54 -4.00 -23.55
C ILE B 289 18.97 -5.43 -23.88
N SER B 290 19.05 -5.75 -25.18
CA SER B 290 19.49 -7.08 -25.59
C SER B 290 20.93 -7.35 -25.20
N ASP B 291 21.83 -6.45 -25.59
CA ASP B 291 23.25 -6.58 -25.27
C ASP B 291 23.46 -6.85 -23.79
N GLN B 292 22.60 -6.24 -22.97
CA GLN B 292 22.64 -6.40 -21.52
C GLN B 292 22.39 -7.83 -21.06
N ASN B 293 21.58 -8.55 -21.84
CA ASN B 293 21.28 -9.98 -21.57
C ASN B 293 20.82 -10.09 -20.13
N ILE B 294 19.56 -9.78 -19.94
CA ILE B 294 18.96 -9.71 -18.63
C ILE B 294 17.90 -10.76 -18.35
N LYS B 295 18.06 -11.42 -17.21
CA LYS B 295 17.10 -12.42 -16.76
C LYS B 295 15.79 -11.75 -16.28
N ASP B 296 14.72 -12.07 -17.00
CA ASP B 296 13.37 -11.61 -16.71
C ASP B 296 13.23 -10.11 -16.46
N LEU B 297 13.39 -9.32 -17.52
CA LEU B 297 13.24 -7.87 -17.39
C LEU B 297 11.78 -7.41 -17.46
N LYS B 298 11.34 -6.72 -16.42
CA LYS B 298 10.00 -6.17 -16.39
C LYS B 298 10.13 -4.73 -16.82
N VAL B 299 9.33 -4.35 -17.82
CA VAL B 299 9.37 -2.99 -18.30
C VAL B 299 8.08 -2.25 -17.93
N PHE B 300 8.25 -1.04 -17.42
CA PHE B 300 7.12 -0.20 -17.05
C PHE B 300 7.22 1.14 -17.76
N THR B 301 6.05 1.70 -18.11
CA THR B 301 5.99 3.00 -18.78
C THR B 301 4.79 3.72 -18.17
N SER B 302 4.65 5.01 -18.47
CA SER B 302 3.50 5.79 -17.99
C SER B 302 2.36 5.60 -18.99
N GLN B 303 1.34 6.43 -18.94
CA GLN B 303 0.26 6.30 -19.89
C GLN B 303 0.33 7.35 -20.99
N MET B 304 1.50 8.00 -21.07
CA MET B 304 1.76 9.05 -22.04
C MET B 304 2.44 8.43 -23.24
N LYS B 305 1.95 8.80 -24.43
CA LYS B 305 2.47 8.25 -25.68
C LYS B 305 3.96 8.20 -25.80
N ARG B 306 4.64 9.23 -25.35
CA ARG B 306 6.08 9.23 -25.51
C ARG B 306 6.77 8.04 -24.87
N THR B 307 6.24 7.54 -23.76
CA THR B 307 6.88 6.41 -23.09
C THR B 307 6.50 5.11 -23.75
N ILE B 308 5.24 4.99 -24.11
CA ILE B 308 4.71 3.80 -24.75
C ILE B 308 5.35 3.58 -26.10
N GLN B 309 5.46 4.66 -26.86
CA GLN B 309 6.07 4.64 -28.17
C GLN B 309 7.53 4.20 -28.06
N THR B 310 8.20 4.67 -26.99
CA THR B 310 9.61 4.35 -26.73
C THR B 310 9.73 2.87 -26.40
N ALA B 311 8.72 2.38 -25.69
CA ALA B 311 8.68 0.99 -25.27
C ALA B 311 8.39 0.02 -26.41
N GLU B 312 7.59 0.47 -27.38
CA GLU B 312 7.22 -0.35 -28.54
C GLU B 312 8.42 -0.90 -29.29
N ALA B 313 9.57 -0.27 -29.11
CA ALA B 313 10.80 -0.69 -29.78
C ALA B 313 11.42 -1.93 -29.13
N LEU B 314 11.03 -2.21 -27.89
CA LEU B 314 11.55 -3.38 -27.19
C LEU B 314 10.91 -4.65 -27.75
N SER B 315 11.43 -5.80 -27.34
CA SER B 315 10.89 -7.08 -27.79
C SER B 315 9.85 -7.45 -26.73
N VAL B 316 10.26 -7.24 -25.48
CA VAL B 316 9.49 -7.52 -24.27
C VAL B 316 8.22 -6.66 -24.15
N PRO B 317 7.15 -7.24 -23.58
CA PRO B 317 5.86 -6.53 -23.39
C PRO B 317 5.95 -5.58 -22.16
N TYR B 318 5.32 -4.41 -22.25
CA TYR B 318 5.40 -3.47 -21.15
C TYR B 318 4.09 -3.37 -20.41
N GLU B 319 4.11 -2.59 -19.34
CA GLU B 319 2.92 -2.35 -18.51
C GLU B 319 2.83 -0.86 -18.29
N GLN B 320 1.74 -0.26 -18.77
CA GLN B 320 1.55 1.18 -18.64
C GLN B 320 0.78 1.60 -17.38
N PHE B 321 1.36 2.56 -16.65
CA PHE B 321 0.73 3.02 -15.43
C PHE B 321 0.66 4.53 -15.36
N LYS B 322 -0.55 5.04 -15.14
CA LYS B 322 -0.78 6.48 -15.04
C LYS B 322 -0.08 7.15 -13.86
N VAL B 323 0.32 6.31 -12.90
CA VAL B 323 1.01 6.79 -11.71
C VAL B 323 2.42 7.25 -12.12
N LEU B 324 2.89 6.72 -13.24
CA LEU B 324 4.20 7.11 -13.74
C LEU B 324 4.17 8.38 -14.61
N ASN B 325 2.97 8.90 -14.91
CA ASN B 325 2.82 10.11 -15.72
C ASN B 325 3.66 11.29 -15.25
N GLU B 326 4.10 12.13 -16.17
CA GLU B 326 4.93 13.27 -15.79
C GLU B 326 4.23 14.22 -14.85
N ILE B 327 5.05 14.96 -14.09
CA ILE B 327 4.54 15.96 -13.16
C ILE B 327 3.61 16.95 -13.86
N ASP B 328 2.44 17.13 -13.27
CA ASP B 328 1.41 18.02 -13.78
C ASP B 328 1.87 19.46 -13.53
N ALA B 329 1.86 20.26 -14.60
CA ALA B 329 2.23 21.67 -14.49
C ALA B 329 0.98 22.53 -14.39
N GLY B 330 -0.18 21.90 -14.46
CA GLY B 330 -1.43 22.63 -14.35
C GLY B 330 -1.64 23.74 -15.38
N VAL B 331 -1.77 24.97 -14.90
CA VAL B 331 -2.02 26.10 -15.79
C VAL B 331 -0.90 26.33 -16.77
N CYS B 332 0.31 25.94 -16.37
CA CYS B 332 1.48 26.09 -17.22
C CYS B 332 1.76 24.88 -18.09
N GLU B 333 0.72 24.08 -18.32
CA GLU B 333 0.85 22.90 -19.16
C GLU B 333 1.06 23.33 -20.62
N GLU B 334 2.03 22.71 -21.26
CA GLU B 334 2.33 22.97 -22.67
C GLU B 334 3.01 24.29 -22.96
N MET B 335 3.18 25.12 -21.94
CA MET B 335 3.84 26.42 -22.07
C MET B 335 5.35 26.29 -22.12
N THR B 336 6.01 27.39 -22.40
CA THR B 336 7.46 27.46 -22.42
C THR B 336 7.78 28.28 -21.16
N TYR B 337 9.05 28.34 -20.80
CA TYR B 337 9.47 29.08 -19.63
C TYR B 337 9.26 30.58 -19.81
N GLU B 338 9.41 31.06 -21.05
CA GLU B 338 9.21 32.47 -21.37
C GLU B 338 7.76 32.81 -21.12
N GLU B 339 6.89 31.92 -21.58
CA GLU B 339 5.45 32.09 -21.41
C GLU B 339 4.99 32.04 -19.96
N ILE B 340 5.68 31.21 -19.17
CA ILE B 340 5.37 31.10 -17.75
C ILE B 340 5.80 32.39 -17.09
N GLN B 341 7.03 32.81 -17.34
CA GLN B 341 7.52 34.04 -16.75
C GLN B 341 6.61 35.23 -17.07
N ASP B 342 6.18 35.27 -18.32
CA ASP B 342 5.33 36.33 -18.83
C ASP B 342 3.90 36.28 -18.25
N HIS B 343 3.35 35.09 -18.07
CA HIS B 343 1.98 34.97 -17.58
C HIS B 343 1.85 34.76 -16.07
N TYR B 344 2.76 33.94 -15.54
CA TYR B 344 2.86 33.61 -14.11
C TYR B 344 4.28 33.95 -13.58
N PRO B 345 4.62 35.25 -13.55
CA PRO B 345 5.92 35.76 -13.08
C PRO B 345 6.27 35.55 -11.62
N LEU B 346 5.29 35.65 -10.74
CA LEU B 346 5.56 35.48 -9.33
C LEU B 346 5.66 34.00 -8.98
N GLU B 347 4.77 33.17 -9.54
CA GLU B 347 4.79 31.73 -9.23
C GLU B 347 6.06 31.13 -9.72
N PHE B 348 6.57 31.69 -10.82
CA PHE B 348 7.81 31.23 -11.44
C PHE B 348 8.99 31.54 -10.51
N ALA B 349 8.93 32.71 -9.88
CA ALA B 349 9.97 33.10 -8.95
C ALA B 349 9.88 32.26 -7.68
N LEU B 350 8.68 32.09 -7.15
CA LEU B 350 8.50 31.27 -5.96
C LEU B 350 8.92 29.82 -6.21
N ARG B 351 8.54 29.24 -7.35
CA ARG B 351 8.95 27.85 -7.67
C ARG B 351 10.48 27.75 -7.72
N ASP B 352 11.10 28.82 -8.17
CA ASP B 352 12.54 28.87 -8.25
C ASP B 352 13.15 28.93 -6.86
N GLN B 353 12.44 29.54 -5.91
CA GLN B 353 12.91 29.65 -4.54
C GLN B 353 12.85 28.33 -3.80
N ASP B 354 11.77 27.57 -4.02
CA ASP B 354 11.59 26.26 -3.41
C ASP B 354 10.92 25.38 -4.44
N LYS B 355 11.75 24.79 -5.28
CA LYS B 355 11.31 23.94 -6.36
C LYS B 355 10.75 22.60 -5.88
N TYR B 356 10.95 22.28 -4.59
CA TYR B 356 10.45 21.04 -4.01
C TYR B 356 9.00 21.22 -3.55
N ARG B 357 8.75 22.34 -2.87
CA ARG B 357 7.44 22.60 -2.29
C ARG B 357 6.39 23.43 -3.00
N TYR B 358 6.78 24.32 -3.93
CA TYR B 358 5.78 25.16 -4.62
C TYR B 358 5.30 24.64 -5.95
N ARG B 359 3.99 24.73 -6.14
CA ARG B 359 3.40 24.22 -7.35
C ARG B 359 2.78 25.31 -8.21
N TYR B 360 2.60 24.99 -9.49
CA TYR B 360 1.94 25.88 -10.42
C TYR B 360 0.45 25.68 -10.10
N PRO B 361 -0.39 26.67 -10.43
CA PRO B 361 -1.84 26.57 -10.18
C PRO B 361 -2.48 25.35 -10.85
N LYS B 362 -3.12 24.53 -10.04
CA LYS B 362 -3.78 23.32 -10.51
C LYS B 362 -2.79 22.27 -10.94
N GLY B 363 -1.54 22.45 -10.53
CA GLY B 363 -0.51 21.48 -10.83
C GLY B 363 -0.01 20.81 -9.56
N GLU B 364 1.15 20.16 -9.69
CA GLU B 364 1.78 19.44 -8.59
C GLU B 364 3.14 20.07 -8.23
N SER B 365 3.62 19.73 -7.03
CA SER B 365 4.93 20.14 -6.57
C SER B 365 5.74 18.84 -6.66
N TYR B 366 7.04 18.93 -6.52
CA TYR B 366 7.87 17.72 -6.56
C TYR B 366 7.55 16.92 -5.33
N GLU B 367 7.11 17.61 -4.27
CA GLU B 367 6.71 16.96 -3.03
C GLU B 367 5.49 16.10 -3.28
N ASP B 368 4.56 16.63 -4.05
CA ASP B 368 3.34 15.93 -4.39
C ASP B 368 3.66 14.70 -5.22
N LEU B 369 4.51 14.90 -6.22
CA LEU B 369 4.95 13.85 -7.11
C LEU B 369 5.50 12.69 -6.29
N VAL B 370 6.34 12.99 -5.32
CA VAL B 370 6.92 11.98 -4.42
C VAL B 370 5.83 11.13 -3.71
N GLN B 371 4.76 11.78 -3.22
CA GLN B 371 3.67 11.06 -2.58
C GLN B 371 2.99 10.17 -3.60
N ARG B 372 2.81 10.69 -4.81
CA ARG B 372 2.20 9.97 -5.92
C ARG B 372 3.01 8.74 -6.34
N LEU B 373 4.33 8.83 -6.24
CA LEU B 373 5.20 7.74 -6.61
C LEU B 373 5.52 6.72 -5.50
N GLU B 374 4.92 6.89 -4.30
CA GLU B 374 5.18 5.93 -3.19
C GLU B 374 4.90 4.50 -3.66
N PRO B 375 3.78 4.28 -4.39
CA PRO B 375 3.52 2.92 -4.84
C PRO B 375 4.57 2.46 -5.84
N VAL B 376 5.21 3.39 -6.58
CA VAL B 376 6.27 3.02 -7.53
C VAL B 376 7.53 2.60 -6.77
N ILE B 377 7.84 3.35 -5.73
CA ILE B 377 9.00 3.05 -4.87
C ILE B 377 8.86 1.66 -4.28
N MET B 378 7.66 1.35 -3.81
CA MET B 378 7.35 0.07 -3.22
C MET B 378 7.57 -1.07 -4.21
N GLU B 379 6.97 -0.93 -5.40
CA GLU B 379 7.08 -1.94 -6.42
C GLU B 379 8.51 -2.13 -6.91
N LEU B 380 9.25 -1.03 -7.02
CA LEU B 380 10.63 -1.11 -7.45
C LEU B 380 11.48 -1.83 -6.42
N GLU B 381 11.15 -1.64 -5.14
CA GLU B 381 11.86 -2.34 -4.08
C GLU B 381 11.60 -3.85 -4.21
N ARG B 382 10.33 -4.18 -4.49
CA ARG B 382 9.87 -5.55 -4.62
C ARG B 382 10.32 -6.29 -5.87
N GLN B 383 10.56 -5.54 -6.93
CA GLN B 383 10.97 -6.09 -8.22
C GLN B 383 12.41 -6.60 -8.17
N GLU B 384 12.82 -7.24 -9.26
CA GLU B 384 14.20 -7.69 -9.38
C GLU B 384 14.74 -6.86 -10.55
N ASN B 385 14.95 -7.47 -11.72
CA ASN B 385 15.43 -6.72 -12.88
C ASN B 385 14.25 -5.96 -13.47
N VAL B 386 14.39 -4.63 -13.53
CA VAL B 386 13.31 -3.76 -14.01
C VAL B 386 13.76 -2.49 -14.74
N LEU B 387 13.05 -2.19 -15.83
CA LEU B 387 13.29 -1.00 -16.64
C LEU B 387 12.05 -0.12 -16.53
N VAL B 388 12.27 1.15 -16.21
CA VAL B 388 11.17 2.12 -16.11
C VAL B 388 11.42 3.23 -17.12
N ILE B 389 10.53 3.33 -18.10
CA ILE B 389 10.62 4.35 -19.12
C ILE B 389 9.67 5.41 -18.65
N CYS B 390 10.23 6.55 -18.24
CA CYS B 390 9.42 7.65 -17.72
C CYS B 390 9.69 9.08 -18.25
N HIS B 391 9.79 10.03 -17.34
CA HIS B 391 9.96 11.43 -17.67
C HIS B 391 10.96 12.09 -16.74
N GLN B 392 11.26 13.35 -17.00
CA GLN B 392 12.25 14.11 -16.22
C GLN B 392 12.01 14.29 -14.71
N ALA B 393 10.85 14.81 -14.33
CA ALA B 393 10.50 15.01 -12.92
C ALA B 393 10.41 13.65 -12.23
N VAL B 394 9.59 12.75 -12.77
CA VAL B 394 9.43 11.41 -12.23
C VAL B 394 10.81 10.73 -12.05
N MET B 395 11.66 10.80 -13.08
CA MET B 395 12.99 10.17 -13.01
C MET B 395 13.89 10.79 -11.95
N ARG B 396 13.70 12.08 -11.66
CA ARG B 396 14.51 12.74 -10.63
C ARG B 396 14.10 12.17 -9.26
N CYS B 397 12.80 12.02 -9.07
CA CYS B 397 12.29 11.50 -7.85
C CYS B 397 12.81 10.12 -7.55
N LEU B 398 12.77 9.23 -8.56
CA LEU B 398 13.20 7.84 -8.41
C LEU B 398 14.69 7.72 -8.20
N LEU B 399 15.44 8.63 -8.81
CA LEU B 399 16.88 8.63 -8.65
C LEU B 399 17.24 9.16 -7.25
N ALA B 400 16.49 10.16 -6.78
CA ALA B 400 16.73 10.73 -5.46
C ALA B 400 16.51 9.64 -4.39
N TYR B 401 15.50 8.80 -4.61
CA TYR B 401 15.24 7.71 -3.66
C TYR B 401 16.40 6.71 -3.57
N PHE B 402 16.80 6.11 -4.69
CA PHE B 402 17.87 5.11 -4.68
C PHE B 402 19.27 5.61 -4.38
N LEU B 403 19.51 6.89 -4.58
CA LEU B 403 20.83 7.46 -4.29
C LEU B 403 20.75 8.33 -3.04
N ASP B 404 19.62 8.30 -2.36
CA ASP B 404 19.43 9.05 -1.10
C ASP B 404 19.79 10.54 -1.25
N LYS B 405 19.17 11.22 -2.20
CA LYS B 405 19.44 12.64 -2.38
C LYS B 405 18.38 13.39 -1.62
N ALA B 406 18.78 14.47 -0.93
CA ALA B 406 17.86 15.30 -0.14
C ALA B 406 16.76 15.88 -1.00
N ALA B 407 15.62 16.14 -0.38
CA ALA B 407 14.47 16.71 -1.05
C ALA B 407 14.83 18.01 -1.79
N GLU B 408 15.65 18.84 -1.15
CA GLU B 408 16.05 20.12 -1.75
C GLU B 408 16.90 19.99 -3.01
N GLU B 409 17.65 18.90 -3.09
CA GLU B 409 18.49 18.62 -4.25
C GLU B 409 17.76 17.81 -5.34
N LEU B 410 16.73 17.05 -4.96
CA LEU B 410 15.99 16.24 -5.92
C LEU B 410 15.40 16.92 -7.17
N PRO B 411 14.76 18.11 -7.04
CA PRO B 411 14.18 18.73 -8.24
C PRO B 411 15.22 19.22 -9.27
N TYR B 412 16.50 19.10 -8.93
CA TYR B 412 17.59 19.54 -9.79
C TYR B 412 18.54 18.48 -10.31
N LEU B 413 18.27 17.21 -10.03
CA LEU B 413 19.16 16.13 -10.51
C LEU B 413 19.12 16.08 -12.01
N LYS B 414 20.25 15.74 -12.61
CA LYS B 414 20.37 15.64 -14.05
C LYS B 414 19.93 14.29 -14.60
N CYS B 415 18.86 14.32 -15.38
CA CYS B 415 18.29 13.13 -16.01
C CYS B 415 18.16 13.43 -17.49
N PRO B 416 19.28 13.34 -18.24
CA PRO B 416 19.29 13.61 -19.67
C PRO B 416 18.49 12.67 -20.56
N LEU B 417 18.06 13.19 -21.71
CA LEU B 417 17.30 12.40 -22.66
C LEU B 417 18.25 11.38 -23.29
N HIS B 418 17.68 10.27 -23.81
CA HIS B 418 18.44 9.22 -24.46
C HIS B 418 19.61 8.69 -23.65
N THR B 419 19.48 8.78 -22.33
CA THR B 419 20.51 8.33 -21.41
C THR B 419 19.87 7.31 -20.47
N VAL B 420 20.59 6.24 -20.17
CA VAL B 420 20.06 5.20 -19.31
C VAL B 420 20.82 5.12 -17.99
N LEU B 421 20.11 5.36 -16.90
CA LEU B 421 20.69 5.29 -15.58
C LEU B 421 20.51 3.87 -15.02
N LYS B 422 21.62 3.19 -14.80
CA LYS B 422 21.60 1.84 -14.29
C LYS B 422 21.94 1.85 -12.82
N LEU B 423 20.99 1.41 -12.01
CA LEU B 423 21.15 1.36 -10.57
C LEU B 423 21.30 -0.07 -10.05
N THR B 424 22.40 -0.31 -9.33
CA THR B 424 22.66 -1.64 -8.76
C THR B 424 22.77 -1.51 -7.26
N PRO B 425 21.75 -1.96 -6.53
CA PRO B 425 21.73 -1.90 -5.06
C PRO B 425 22.83 -2.74 -4.40
N VAL B 426 23.52 -2.15 -3.45
CA VAL B 426 24.57 -2.84 -2.72
C VAL B 426 24.34 -2.63 -1.22
N ALA B 427 25.31 -2.97 -0.39
CA ALA B 427 25.16 -2.78 1.06
C ALA B 427 25.29 -1.29 1.39
N TYR B 428 24.27 -0.77 2.07
CA TYR B 428 24.19 0.65 2.50
C TYR B 428 24.10 1.68 1.36
N GLY B 429 24.47 1.28 0.15
CA GLY B 429 24.40 2.17 -0.99
C GLY B 429 23.76 1.58 -2.22
N CYS B 430 24.00 2.24 -3.35
CA CYS B 430 23.48 1.84 -4.64
C CYS B 430 24.42 2.42 -5.67
N LYS B 431 25.03 1.55 -6.47
CA LYS B 431 25.96 1.98 -7.52
C LYS B 431 25.20 2.49 -8.74
N VAL B 432 25.65 3.61 -9.27
CA VAL B 432 24.98 4.19 -10.41
C VAL B 432 25.88 4.27 -11.64
N GLU B 433 25.39 3.85 -12.79
CA GLU B 433 26.13 3.93 -14.01
C GLU B 433 25.30 4.65 -15.05
N SER B 434 25.83 5.76 -15.57
CA SER B 434 25.18 6.53 -16.60
C SER B 434 25.63 5.99 -17.96
N ILE B 435 24.67 5.60 -18.79
CA ILE B 435 24.97 5.03 -20.11
C ILE B 435 24.32 5.78 -21.26
N PHE B 436 25.07 6.68 -21.91
CA PHE B 436 24.51 7.41 -23.05
C PHE B 436 24.31 6.45 -24.20
N LEU B 437 23.11 6.42 -24.77
CA LEU B 437 22.78 5.50 -25.87
C LEU B 437 23.10 5.98 -27.30
N ASN B 438 24.10 6.85 -27.40
CA ASN B 438 24.59 7.37 -28.65
C ASN B 438 23.59 7.94 -29.69
N VAL B 439 22.73 8.85 -29.23
CA VAL B 439 21.76 9.55 -30.08
C VAL B 439 21.52 10.92 -29.45
N ALA B 440 21.91 11.98 -30.19
CA ALA B 440 21.78 13.37 -29.74
C ALA B 440 20.34 13.69 -29.35
N ALA B 441 20.18 14.77 -28.59
CA ALA B 441 18.89 15.22 -28.10
C ALA B 441 19.04 16.60 -27.46
N VAL B 442 17.92 17.30 -27.31
CA VAL B 442 17.85 18.65 -26.74
C VAL B 442 18.04 18.64 -25.22
N ASN B 443 18.41 19.80 -24.68
CA ASN B 443 18.61 19.94 -23.24
C ASN B 443 17.32 20.50 -22.70
N THR B 444 16.66 19.75 -21.84
CA THR B 444 15.43 20.19 -21.17
C THR B 444 15.78 20.53 -19.72
N HIS B 445 17.07 20.54 -19.39
CA HIS B 445 17.49 20.83 -18.02
C HIS B 445 17.71 22.32 -17.75
N ARG B 446 16.92 22.87 -16.81
CA ARG B 446 17.01 24.27 -16.42
C ARG B 446 17.59 24.41 -15.01
N ASP B 447 18.81 24.95 -14.93
CA ASP B 447 19.46 25.16 -13.63
C ASP B 447 18.74 26.27 -12.89
N ARG B 448 19.01 26.36 -11.60
CA ARG B 448 18.41 27.40 -10.80
C ARG B 448 19.28 28.64 -11.07
N PRO B 449 18.66 29.80 -11.39
CA PRO B 449 19.40 31.05 -11.65
C PRO B 449 19.92 31.57 -10.33
N GLN B 450 20.95 32.39 -10.35
CA GLN B 450 21.51 32.94 -9.12
C GLN B 450 20.53 33.96 -8.51
N ASN B 451 19.72 34.56 -9.39
CA ASN B 451 18.72 35.54 -8.98
C ASN B 451 17.34 34.88 -9.02
N VAL B 452 16.83 34.57 -7.84
CA VAL B 452 15.54 33.93 -7.66
C VAL B 452 14.55 34.89 -6.98
N ASP B 453 14.84 36.19 -7.08
CA ASP B 453 13.99 37.22 -6.46
C ASP B 453 12.67 37.40 -7.15
N ILE B 454 11.69 37.83 -6.37
CA ILE B 454 10.37 38.02 -6.93
C ILE B 454 10.28 39.25 -7.84
N SER B 455 11.12 40.23 -7.54
CA SER B 455 11.15 41.49 -8.26
C SER B 455 12.09 41.47 -9.44
N ARG B 456 12.69 40.31 -9.70
CA ARG B 456 13.67 40.18 -10.77
C ARG B 456 13.12 40.44 -12.17
N PRO B 457 13.98 40.83 -13.10
CA PRO B 457 13.57 41.09 -14.48
C PRO B 457 13.44 39.77 -15.24
N SER B 458 12.81 39.80 -16.40
CA SER B 458 12.60 38.59 -17.15
C SER B 458 13.86 38.02 -17.74
N GLU B 459 14.84 38.87 -17.96
CA GLU B 459 16.09 38.41 -18.56
C GLU B 459 16.83 37.48 -17.61
N GLU B 460 16.85 37.84 -16.33
CA GLU B 460 17.56 37.08 -15.33
C GLU B 460 16.80 35.84 -14.92
N ALA B 461 15.49 35.90 -15.04
CA ALA B 461 14.63 34.77 -14.71
C ALA B 461 14.86 33.64 -15.70
N LEU B 462 15.03 33.97 -16.99
CA LEU B 462 15.21 33.02 -18.07
C LEU B 462 16.63 32.82 -18.61
N VAL B 463 17.64 33.31 -17.89
CA VAL B 463 19.06 33.18 -18.30
C VAL B 463 19.60 31.75 -18.30
N THR B 464 18.96 30.91 -17.51
CA THR B 464 19.35 29.50 -17.40
C THR B 464 18.49 28.61 -18.30
N VAL B 465 17.48 29.19 -18.93
CA VAL B 465 16.64 28.42 -19.84
C VAL B 465 17.42 27.90 -21.05
N PRO B 466 17.49 26.57 -21.20
CA PRO B 466 18.19 25.90 -22.30
C PRO B 466 17.62 26.34 -23.65
N ALA B 467 18.49 26.37 -24.64
CA ALA B 467 18.14 26.76 -26.01
C ALA B 467 17.14 25.75 -26.60
N HIS B 468 16.18 26.24 -27.39
CA HIS B 468 15.14 25.36 -27.94
C HIS B 468 14.53 25.80 -29.28
N GLN B 469 13.71 24.91 -29.83
CA GLN B 469 12.93 25.10 -31.06
C GLN B 469 13.42 24.51 -32.41
C1 BOG C . -10.72 -35.69 3.24
O1 BOG C . -11.55 -35.38 2.09
C2 BOG C . -9.87 -34.47 3.68
O2 BOG C . -8.97 -34.10 2.63
C3 BOG C . -9.07 -34.81 4.93
O3 BOG C . -8.40 -33.63 5.40
C4 BOG C . -10.01 -35.33 6.04
O4 BOG C . -9.24 -35.77 7.18
C5 BOG C . -10.81 -36.51 5.50
O5 BOG C . -11.56 -36.09 4.34
C6 BOG C . -11.73 -37.03 6.58
O6 BOG C . -13.06 -36.99 6.11
C1' BOG C . -11.07 -35.91 0.82
C2' BOG C . -11.08 -34.81 -0.23
C3' BOG C . -9.86 -34.95 -1.12
C4' BOG C . -9.71 -33.69 -1.98
C5' BOG C . -8.99 -34.03 -3.28
C6' BOG C . -8.45 -32.76 -3.95
C7' BOG C . -8.25 -33.04 -5.44
C8' BOG C . -7.51 -31.88 -6.08
O1 F6P D . -23.57 17.93 -6.13
C1 F6P D . -22.43 17.89 -5.27
C2 F6P D . -21.46 16.81 -5.74
O2 F6P D . -20.88 16.20 -4.61
C3 F6P D . -20.38 17.41 -6.58
O3 F6P D . -19.21 17.82 -5.89
C4 F6P D . -20.04 16.28 -7.51
O4 F6P D . -19.30 16.77 -8.62
C5 F6P D . -21.43 15.73 -7.78
O5 F6P D . -22.10 15.79 -6.52
C6 F6P D . -21.40 14.28 -8.26
O6 F6P D . -22.62 14.03 -8.97
P F6P D . -22.76 12.89 -10.12
O1P F6P D . -23.85 12.09 -9.55
O2P F6P D . -21.43 12.27 -10.17
O3P F6P D . -23.17 13.53 -11.41
C1 BOG E . -1.60 0.57 -7.19
O1 BOG E . -0.70 0.29 -8.26
C2 BOG E . -0.84 1.01 -5.92
O2 BOG E . 0.05 -0.05 -5.51
C3 BOG E . -1.85 1.28 -4.80
O3 BOG E . -1.15 1.75 -3.62
C4 BOG E . -2.84 2.35 -5.28
O4 BOG E . -3.82 2.57 -4.27
C5 BOG E . -3.53 1.89 -6.60
O5 BOG E . -2.51 1.62 -7.59
C6 BOG E . -4.47 2.98 -7.13
O6 BOG E . -4.26 3.17 -8.53
C1' BOG E . -0.73 -1.09 -8.69
C2' BOG E . 0.65 -1.53 -9.18
C3' BOG E . 1.40 -0.32 -9.71
C4' BOG E . 2.77 -0.74 -10.17
C5' BOG E . 3.61 0.52 -10.34
C6' BOG E . 4.77 0.20 -11.24
C7' BOG E . 5.77 1.32 -11.14
C8' BOG E . 6.73 1.23 -12.31
MG MG F . -15.08 -22.61 4.50
P PO4 G . -20.93 17.58 -1.28
O1 PO4 G . -21.67 17.24 0.01
O2 PO4 G . -19.44 17.42 -1.13
O3 PO4 G . -21.40 16.75 -2.45
O4 PO4 G . -21.20 19.00 -1.56
PG ANP H . -16.51 -24.32 7.11
O1G ANP H . -16.94 -23.60 5.86
O2G ANP H . -15.33 -25.20 6.95
O3G ANP H . -17.58 -24.85 7.91
PB ANP H . -15.08 -21.86 7.95
O1B ANP H . -15.38 -21.51 6.53
O2B ANP H . -13.68 -22.24 8.33
N3B ANP H . -16.03 -23.19 8.23
PA ANP H . -16.72 -19.48 8.69
O1A ANP H . -18.05 -20.13 8.45
O2A ANP H . -16.17 -18.56 7.64
O3A ANP H . -15.62 -20.67 8.91
O5' ANP H . -16.77 -18.56 10.02
C5' ANP H . -17.18 -17.21 10.08
C4' ANP H . -16.99 -16.80 11.61
O4' ANP H . -15.64 -16.86 11.93
C3' ANP H . -17.55 -15.35 12.01
O3' ANP H . -18.12 -15.40 13.34
C2' ANP H . -16.26 -14.45 11.94
O2' ANP H . -16.35 -13.19 12.72
C1' ANP H . -15.29 -15.58 12.40
N9 ANP H . -13.92 -15.34 11.89
C8 ANP H . -13.48 -14.52 10.85
N7 ANP H . -12.16 -14.43 10.68
C5 ANP H . -11.68 -15.29 11.70
C6 ANP H . -10.35 -15.58 12.21
N6 ANP H . -9.15 -14.97 11.60
N1 ANP H . -10.27 -16.45 13.30
C2 ANP H . -11.38 -16.89 13.94
N3 ANP H . -12.64 -16.68 13.57
C4 ANP H . -12.75 -15.83 12.49
C1 SIN I . -14.37 -29.21 2.99
O1 SIN I . -13.34 -29.79 2.70
O2 SIN I . -14.35 -28.00 3.23
C2 SIN I . -15.67 -30.00 3.08
C3 SIN I . -16.83 -29.00 2.99
C4 SIN I . -18.14 -29.75 3.09
O3 SIN I . -18.91 -29.44 3.97
O4 SIN I . -18.41 -30.63 2.27
C1 BOG J . -0.37 8.82 4.31
O1 BOG J . -1.81 8.87 4.34
C2 BOG J . 0.20 8.96 5.77
O2 BOG J . -0.20 10.22 6.33
C3 BOG J . 1.73 8.85 5.72
O3 BOG J . 2.26 8.90 7.07
C4 BOG J . 2.11 7.51 5.06
O4 BOG J . 3.55 7.43 5.00
C5 BOG J . 1.49 7.43 3.63
O5 BOG J . 0.06 7.56 3.75
C6 BOG J . 1.82 6.11 2.90
O6 BOG J . 2.92 5.43 3.53
C1' BOG J . -2.43 7.84 5.14
C2' BOG J . -3.75 7.42 4.51
C3' BOG J . -4.89 8.01 5.31
C4' BOG J . -6.16 7.29 4.97
C5' BOG J . -7.33 8.11 5.46
C6' BOG J . -8.54 7.20 5.56
C7' BOG J . -9.75 8.05 5.88
C8' BOG J . -10.93 7.51 5.11
O1 F6P K . 10.99 19.49 -20.20
C1 F6P K . 10.08 18.40 -20.13
C2 F6P K . 9.59 18.18 -18.69
O2 F6P K . 9.57 16.80 -18.39
C3 F6P K . 8.20 18.73 -18.50
O3 F6P K . 7.18 17.77 -18.81
C4 F6P K . 8.24 19.19 -17.06
O4 F6P K . 7.30 20.18 -16.68
C5 F6P K . 9.64 19.68 -16.90
O5 F6P K . 10.42 18.77 -17.67
C6 F6P K . 10.08 19.64 -15.45
O6 F6P K . 11.39 20.22 -15.28
P F6P K . 11.60 21.39 -14.18
O1P F6P K . 13.05 21.40 -14.09
O2P F6P K . 10.96 20.97 -12.93
O3P F6P K . 10.89 22.59 -14.71
P PO4 L . 24.64 -5.57 11.75
O1 PO4 L . 24.35 -6.95 12.34
O2 PO4 L . 23.74 -4.51 12.39
O3 PO4 L . 24.40 -5.70 10.26
O4 PO4 L . 26.08 -5.16 12.03
P PO4 M . 9.89 14.09 -20.94
O1 PO4 M . 11.09 13.20 -21.03
O2 PO4 M . 10.08 14.96 -19.81
O3 PO4 M . 8.60 13.51 -20.82
O4 PO4 M . 9.82 14.87 -22.12
C1 SIN N . 25.53 -3.87 20.16
O1 SIN N . 24.96 -4.47 21.06
O2 SIN N . 24.95 -3.65 19.11
C2 SIN N . 26.98 -3.40 20.36
C3 SIN N . 27.40 -2.56 19.15
C4 SIN N . 28.92 -2.41 19.28
O3 SIN N . 29.62 -2.89 18.44
O4 SIN N . 29.41 -1.81 20.23
#